data_7WST
#
_entry.id   7WST
#
_cell.length_a   1.00
_cell.length_b   1.00
_cell.length_c   1.00
_cell.angle_alpha   90.00
_cell.angle_beta   90.00
_cell.angle_gamma   90.00
#
_symmetry.space_group_name_H-M   'P 1'
#
loop_
_entity.id
_entity.type
_entity.pdbx_description
1 polymer 'Iron-phytosiderophore transporter'
2 non-polymer 'CHOLESTEROL HEMISUCCINATE'
3 non-polymer 'FE (III) ION'
4 non-polymer '(2~{S})-1-[(3~{S})-3-[[(3~{S})-3,4-bis(oxidanyl)-4-oxidanylidene-butyl]amino]-4-oxidanyl-4-oxidanylidene-butyl]azetidine-2-carboxylic acid'
#
_entity_poly.entity_id   1
_entity_poly.type   'polypeptide(L)'
_entity_poly.pdbx_seq_one_letter_code
;MDIVAPDRTRIAPEIDRDEALEGDRESDPALASTREWQLEDMPRWQDELTVRGLVAALLIGFIYTVIVMKIALTTGLVPT
LNVSAALLSFLALRGWTRLLERFGVVSRPFTRQENTIVQTCGVACYTIAFAGGFGSTLLGLNKKTYELAGDSPGNVPGSW
KEPGIGWMTGFLLACSFGGLLTLIPLRQVLVVDYKLVYPSGTATAILINGFHTDQGDKNSRKQIRGFLKYFGGSFLWSFF
QWFYTGGDACGFVQFPTFGLKAWKQTFYFDFSMTYVGAGMICPHIVNISTLLGAIISWGIMWPLISKNKGDWYPAKVPES
SMKSLYGYKAFICIALIMGDGMYHFIKIVGITAMSMYRQFSHKQVNNKAKNADDTVSLEELHRQEIFKRGHIPSWMAYAG
YALFSVLAVVTIPVMFKQVKWYYVVIAYVVAPMLGFANSYGTGLTDINMGYNYGKIALFVFAGWAGKENGVIAGLVAGTL
VKQLVLISADLMQDFKTSYLTQTSPKSMMIAQVVGTAMGCIVSPLTFMLFYKAFDIGNPDGTWKAPYALIYRNMAILGVE
GFSVLPKYCIVISGGFFAFAAILSITRDVMPHKYAKYVPLPMAMAVPFLVGGSFAIDMCLGSLIVFAWTKINKKEAGFMV
PAVASALICGDGIWTFPASILALAKIKPPICMKFLPAATSAAHHHHHHHH
;
_entity_poly.pdbx_strand_id   A,B
#
loop_
_chem_comp.id
_chem_comp.type
_chem_comp.name
_chem_comp.formula
554 non-polymer '(2~{S})-1-[(3~{S})-3-[[(3~{S})-3,4-bis(oxidanyl)-4-oxidanylidene-butyl]amino]-4-oxidanyl-4-oxidanylidene-butyl]azetidine-2-carboxylic acid' 'C12 H20 N2 O7'
FE non-polymer 'FE (III) ION' 'Fe 3'
Y01 non-polymer 'CHOLESTEROL HEMISUCCINATE' 'C31 H50 O4'
#
# COMPACT_ATOMS: atom_id res chain seq x y z
N TRP A 45 -47.57 -11.77 2.19
CA TRP A 45 -48.76 -11.32 1.46
C TRP A 45 -48.90 -9.80 1.57
N GLN A 46 -48.78 -9.30 2.80
CA GLN A 46 -48.80 -7.86 3.05
C GLN A 46 -47.60 -7.52 3.92
N ASP A 47 -47.38 -6.21 4.10
CA ASP A 47 -46.25 -5.67 4.84
C ASP A 47 -44.93 -5.94 4.12
N GLU A 48 -45.01 -6.65 2.99
CA GLU A 48 -43.84 -6.85 2.14
C GLU A 48 -44.04 -6.18 0.79
N LEU A 49 -45.21 -6.38 0.18
CA LEU A 49 -45.58 -5.71 -1.05
C LEU A 49 -46.36 -4.44 -0.71
N THR A 50 -45.74 -3.28 -0.93
CA THR A 50 -46.34 -2.01 -0.57
C THR A 50 -46.31 -1.08 -1.77
N VAL A 51 -46.99 0.05 -1.63
CA VAL A 51 -47.01 1.06 -2.69
C VAL A 51 -45.79 1.98 -2.61
N ARG A 52 -45.33 2.33 -1.41
CA ARG A 52 -44.09 3.09 -1.30
C ARG A 52 -42.90 2.30 -1.81
N GLY A 53 -42.90 0.98 -1.58
CA GLY A 53 -41.85 0.15 -2.15
C GLY A 53 -41.89 0.12 -3.66
N LEU A 54 -43.09 0.07 -4.24
CA LEU A 54 -43.23 0.15 -5.68
C LEU A 54 -42.71 1.48 -6.21
N VAL A 55 -43.02 2.58 -5.52
CA VAL A 55 -42.50 3.88 -5.93
C VAL A 55 -40.99 3.93 -5.77
N ALA A 56 -40.49 3.48 -4.61
CA ALA A 56 -39.06 3.54 -4.35
C ALA A 56 -38.27 2.70 -5.35
N ALA A 57 -38.78 1.50 -5.67
CA ALA A 57 -38.10 0.65 -6.64
C ALA A 57 -38.08 1.28 -8.02
N LEU A 58 -39.17 1.96 -8.39
CA LEU A 58 -39.25 2.59 -9.70
C LEU A 58 -38.20 3.69 -9.85
N LEU A 59 -38.01 4.53 -8.83
CA LEU A 59 -36.96 5.52 -8.88
C LEU A 59 -35.58 4.89 -8.87
N ILE A 60 -35.31 4.00 -7.91
CA ILE A 60 -33.99 3.38 -7.84
C ILE A 60 -33.68 2.63 -9.13
N GLY A 61 -34.67 1.97 -9.72
CA GLY A 61 -34.46 1.36 -11.02
C GLY A 61 -34.16 2.36 -12.11
N PHE A 62 -34.77 3.55 -12.03
CA PHE A 62 -34.63 4.53 -13.11
C PHE A 62 -33.25 5.17 -13.12
N ILE A 63 -32.76 5.62 -11.97
CA ILE A 63 -31.42 6.20 -11.91
C ILE A 63 -30.36 5.15 -12.23
N TYR A 64 -30.49 3.95 -11.66
CA TYR A 64 -29.51 2.91 -11.91
C TYR A 64 -29.51 2.50 -13.37
N THR A 65 -30.67 2.57 -14.04
CA THR A 65 -30.70 2.36 -15.49
C THR A 65 -29.90 3.43 -16.21
N VAL A 66 -30.05 4.68 -15.78
CA VAL A 66 -29.31 5.79 -16.41
C VAL A 66 -27.82 5.63 -16.17
N ILE A 67 -27.44 5.25 -14.95
CA ILE A 67 -26.02 5.07 -14.64
C ILE A 67 -25.44 3.91 -15.45
N VAL A 68 -26.18 2.81 -15.54
CA VAL A 68 -25.70 1.65 -16.29
C VAL A 68 -25.67 1.96 -17.78
N MET A 69 -26.73 2.58 -18.30
CA MET A 69 -26.80 2.85 -19.74
C MET A 69 -25.72 3.81 -20.18
N LYS A 70 -25.46 4.87 -19.39
CA LYS A 70 -24.41 5.82 -19.77
C LYS A 70 -23.03 5.16 -19.73
N ILE A 71 -22.77 4.33 -18.71
CA ILE A 71 -21.48 3.66 -18.64
C ILE A 71 -21.35 2.62 -19.75
N ALA A 72 -22.42 1.91 -20.07
CA ALA A 72 -22.37 0.88 -21.10
C ALA A 72 -22.06 1.49 -22.46
N LEU A 73 -22.63 2.65 -22.77
CA LEU A 73 -22.47 3.28 -24.07
C LEU A 73 -21.21 4.14 -24.18
N THR A 74 -20.40 4.22 -23.13
CA THR A 74 -19.17 5.01 -23.22
C THR A 74 -17.94 4.12 -23.07
N THR A 75 -17.97 3.16 -22.15
CA THR A 75 -16.84 2.28 -21.94
C THR A 75 -17.19 0.80 -21.97
N GLY A 76 -18.45 0.44 -21.74
CA GLY A 76 -18.85 -0.95 -21.70
C GLY A 76 -18.47 -1.70 -20.46
N LEU A 77 -17.86 -1.03 -19.48
CA LEU A 77 -17.42 -1.67 -18.24
C LEU A 77 -18.47 -1.41 -17.17
N VAL A 78 -19.57 -2.14 -17.26
CA VAL A 78 -20.68 -1.98 -16.34
C VAL A 78 -20.32 -2.60 -14.99
N PRO A 79 -20.36 -1.84 -13.90
CA PRO A 79 -20.01 -2.38 -12.59
C PRO A 79 -21.20 -2.99 -11.87
N THR A 80 -20.89 -3.72 -10.80
CA THR A 80 -21.92 -4.32 -9.96
C THR A 80 -22.46 -3.28 -8.99
N LEU A 81 -23.78 -3.13 -8.97
CA LEU A 81 -24.42 -2.11 -8.15
C LEU A 81 -25.52 -2.70 -7.27
N ASN A 82 -25.53 -4.01 -7.07
CA ASN A 82 -26.57 -4.64 -6.26
C ASN A 82 -26.45 -4.24 -4.79
N VAL A 83 -25.22 -4.18 -4.28
CA VAL A 83 -25.02 -3.80 -2.88
C VAL A 83 -25.46 -2.36 -2.64
N SER A 84 -25.14 -1.46 -3.58
CA SER A 84 -25.54 -0.07 -3.43
C SER A 84 -27.06 0.08 -3.40
N ALA A 85 -27.77 -0.70 -4.23
CA ALA A 85 -29.21 -0.59 -4.29
C ALA A 85 -29.86 -0.91 -2.94
N ALA A 86 -29.25 -1.83 -2.18
CA ALA A 86 -29.78 -2.17 -0.86
C ALA A 86 -29.69 -0.97 0.08
N LEU A 87 -28.58 -0.22 0.01
CA LEU A 87 -28.42 0.94 0.88
C LEU A 87 -29.36 2.07 0.50
N LEU A 88 -29.45 2.40 -0.79
CA LEU A 88 -30.37 3.45 -1.22
C LEU A 88 -31.83 3.06 -1.00
N SER A 89 -32.12 1.76 -1.07
CA SER A 89 -33.48 1.31 -0.72
C SER A 89 -33.78 1.61 0.73
N PHE A 90 -32.81 1.42 1.62
CA PHE A 90 -33.00 1.71 3.03
C PHE A 90 -33.15 3.20 3.28
N LEU A 91 -32.24 4.01 2.72
CA LEU A 91 -32.27 5.44 3.00
C LEU A 91 -33.52 6.11 2.45
N ALA A 92 -33.95 5.75 1.25
CA ALA A 92 -35.10 6.38 0.62
C ALA A 92 -36.37 6.14 1.42
N LEU A 93 -36.60 4.90 1.84
CA LEU A 93 -37.83 4.58 2.58
C LEU A 93 -37.74 5.06 4.03
N ARG A 94 -36.57 4.93 4.66
CA ARG A 94 -36.41 5.46 6.01
C ARG A 94 -36.57 6.97 6.03
N GLY A 95 -36.01 7.66 5.03
CA GLY A 95 -36.22 9.08 4.93
C GLY A 95 -37.68 9.44 4.74
N TRP A 96 -38.40 8.65 3.93
CA TRP A 96 -39.82 8.92 3.71
C TRP A 96 -40.62 8.72 4.98
N THR A 97 -40.35 7.65 5.73
CA THR A 97 -41.09 7.40 6.96
C THR A 97 -40.83 8.48 8.00
N ARG A 98 -39.57 8.90 8.12
CA ARG A 98 -39.23 9.92 9.13
C ARG A 98 -39.74 11.30 8.71
N LEU A 99 -39.71 11.61 7.41
CA LEU A 99 -40.20 12.89 6.94
C LEU A 99 -41.71 13.02 7.17
N LEU A 100 -42.46 11.95 6.91
CA LEU A 100 -43.90 11.98 7.17
C LEU A 100 -44.18 12.05 8.66
N GLU A 101 -43.32 11.44 9.48
CA GLU A 101 -43.45 11.58 10.92
C GLU A 101 -43.19 13.02 11.36
N ARG A 102 -42.27 13.70 10.67
CA ARG A 102 -42.02 15.10 10.96
C ARG A 102 -43.23 15.96 10.64
N PHE A 103 -43.93 15.65 9.56
CA PHE A 103 -45.13 16.38 9.16
C PHE A 103 -46.39 15.88 9.85
N GLY A 104 -46.27 14.90 10.73
CA GLY A 104 -47.41 14.37 11.46
C GLY A 104 -48.09 13.17 10.83
N VAL A 105 -47.71 12.80 9.61
CA VAL A 105 -48.31 11.64 8.97
C VAL A 105 -47.74 10.36 9.57
N VAL A 106 -48.62 9.41 9.85
CA VAL A 106 -48.23 8.11 10.42
C VAL A 106 -48.20 7.09 9.31
N SER A 107 -47.20 6.21 9.35
CA SER A 107 -47.00 5.21 8.31
C SER A 107 -46.69 3.86 8.93
N ARG A 108 -46.82 2.81 8.13
CA ARG A 108 -46.52 1.47 8.59
C ARG A 108 -45.02 1.33 8.86
N PRO A 109 -44.64 0.45 9.80
CA PRO A 109 -43.22 0.22 10.04
C PRO A 109 -42.53 -0.33 8.79
N PHE A 110 -41.29 0.11 8.58
CA PHE A 110 -40.50 -0.31 7.44
C PHE A 110 -39.55 -1.41 7.90
N THR A 111 -39.85 -2.65 7.49
CA THR A 111 -39.17 -3.84 7.99
C THR A 111 -38.13 -4.32 6.98
N ARG A 112 -37.42 -5.38 7.37
CA ARG A 112 -36.36 -5.92 6.52
C ARG A 112 -36.92 -6.70 5.34
N GLN A 113 -38.08 -7.34 5.50
CA GLN A 113 -38.68 -8.04 4.38
C GLN A 113 -39.06 -7.07 3.27
N GLU A 114 -39.60 -5.91 3.64
CA GLU A 114 -39.93 -4.90 2.64
C GLU A 114 -38.68 -4.34 1.98
N ASN A 115 -37.60 -4.19 2.75
CA ASN A 115 -36.33 -3.72 2.18
C ASN A 115 -35.78 -4.71 1.17
N THR A 116 -35.95 -6.02 1.45
CA THR A 116 -35.55 -7.04 0.49
C THR A 116 -36.37 -6.96 -0.79
N ILE A 117 -37.68 -6.72 -0.65
CA ILE A 117 -38.55 -6.62 -1.83
C ILE A 117 -38.17 -5.43 -2.69
N VAL A 118 -37.93 -4.27 -2.07
CA VAL A 118 -37.60 -3.06 -2.82
C VAL A 118 -36.26 -3.24 -3.54
N GLN A 119 -35.27 -3.80 -2.86
CA GLN A 119 -33.97 -4.03 -3.47
C GLN A 119 -34.08 -4.98 -4.65
N THR A 120 -34.82 -6.08 -4.48
CA THR A 120 -34.96 -7.06 -5.55
C THR A 120 -35.72 -6.48 -6.75
N CYS A 121 -36.79 -5.73 -6.49
CA CYS A 121 -37.53 -5.10 -7.57
C CYS A 121 -36.66 -4.10 -8.33
N GLY A 122 -35.88 -3.32 -7.59
CA GLY A 122 -35.00 -2.35 -8.24
C GLY A 122 -33.91 -3.00 -9.04
N VAL A 123 -33.33 -4.10 -8.54
CA VAL A 123 -32.24 -4.78 -9.24
C VAL A 123 -32.74 -5.35 -10.56
N ALA A 124 -33.93 -5.97 -10.55
CA ALA A 124 -34.49 -6.53 -11.78
C ALA A 124 -34.75 -5.47 -12.84
N CYS A 125 -35.02 -4.23 -12.44
CA CYS A 125 -35.32 -3.19 -13.42
C CYS A 125 -34.07 -2.79 -14.20
N TYR A 126 -32.96 -2.52 -13.50
CA TYR A 126 -31.77 -2.05 -14.20
C TYR A 126 -30.86 -3.16 -14.66
N THR A 127 -31.11 -4.41 -14.27
CA THR A 127 -30.32 -5.52 -14.80
C THR A 127 -30.57 -5.68 -16.29
N ILE A 128 -31.81 -5.46 -16.73
CA ILE A 128 -32.16 -5.55 -18.14
C ILE A 128 -31.37 -4.53 -18.97
N ALA A 129 -30.92 -3.44 -18.34
CA ALA A 129 -30.17 -2.43 -19.06
C ALA A 129 -28.86 -2.98 -19.60
N PHE A 130 -28.16 -3.80 -18.82
CA PHE A 130 -26.92 -4.41 -19.28
C PHE A 130 -27.04 -5.88 -19.63
N ALA A 131 -28.02 -6.60 -19.08
CA ALA A 131 -28.28 -7.97 -19.49
C ALA A 131 -28.96 -8.05 -20.85
N GLY A 132 -29.65 -7.01 -21.28
CA GLY A 132 -30.32 -6.98 -22.56
C GLY A 132 -29.43 -6.71 -23.75
N GLY A 133 -28.14 -6.51 -23.53
CA GLY A 133 -27.21 -6.25 -24.60
C GLY A 133 -27.47 -4.94 -25.30
N PHE A 134 -27.83 -3.91 -24.53
CA PHE A 134 -28.11 -2.60 -25.09
C PHE A 134 -26.86 -1.91 -25.62
N GLY A 135 -25.71 -2.15 -25.00
CA GLY A 135 -24.44 -1.65 -25.48
C GLY A 135 -23.56 -2.67 -26.16
N SER A 136 -23.95 -3.94 -26.20
CA SER A 136 -23.11 -4.97 -26.80
C SER A 136 -23.75 -5.61 -28.02
N THR A 137 -24.95 -6.17 -27.89
CA THR A 137 -25.51 -6.96 -28.98
C THR A 137 -26.58 -6.18 -29.75
N LEU A 138 -27.56 -5.61 -29.04
CA LEU A 138 -28.61 -4.87 -29.71
C LEU A 138 -28.04 -3.64 -30.42
N LEU A 139 -27.00 -3.03 -29.85
CA LEU A 139 -26.36 -1.90 -30.51
C LEU A 139 -25.47 -2.36 -31.66
N GLY A 140 -25.09 -3.64 -31.67
CA GLY A 140 -24.30 -4.15 -32.78
C GLY A 140 -25.12 -4.36 -34.03
N LEU A 141 -26.45 -4.24 -33.91
CA LEU A 141 -27.33 -4.41 -35.07
C LEU A 141 -27.45 -3.12 -35.87
N ASN A 142 -26.77 -2.06 -35.44
CA ASN A 142 -26.90 -0.77 -36.11
C ASN A 142 -26.33 -0.81 -37.52
N LYS A 143 -26.83 0.08 -38.37
CA LYS A 143 -26.15 0.35 -39.63
C LYS A 143 -24.79 0.98 -39.39
N LYS A 144 -24.68 1.79 -38.33
CA LYS A 144 -23.40 2.40 -37.99
C LYS A 144 -22.36 1.34 -37.63
N THR A 145 -22.72 0.39 -36.78
CA THR A 145 -21.80 -0.69 -36.43
C THR A 145 -21.55 -1.60 -37.62
N TYR A 146 -22.57 -1.79 -38.47
CA TYR A 146 -22.39 -2.57 -39.68
C TYR A 146 -21.35 -1.93 -40.60
N GLU A 147 -21.38 -0.60 -40.71
CA GLU A 147 -20.40 0.09 -41.56
C GLU A 147 -19.01 0.04 -40.97
N LEU A 148 -18.89 0.11 -39.64
CA LEU A 148 -17.58 0.08 -38.99
C LEU A 148 -16.85 -1.25 -39.22
N ALA A 149 -17.58 -2.37 -39.26
CA ALA A 149 -16.94 -3.66 -39.45
C ALA A 149 -16.31 -3.78 -40.83
N GLY A 150 -16.91 -3.13 -41.84
CA GLY A 150 -16.37 -3.15 -43.18
C GLY A 150 -16.97 -4.26 -44.03
N ASP A 151 -16.42 -4.39 -45.23
CA ASP A 151 -16.88 -5.37 -46.20
C ASP A 151 -16.12 -6.67 -46.00
N SER A 152 -16.86 -7.73 -45.68
CA SER A 152 -16.28 -9.06 -45.49
C SER A 152 -17.38 -10.09 -45.69
N PRO A 153 -17.03 -11.33 -46.03
CA PRO A 153 -18.05 -12.39 -46.10
C PRO A 153 -18.70 -12.59 -44.75
N GLY A 154 -20.03 -12.77 -44.76
CA GLY A 154 -20.78 -12.85 -43.53
C GLY A 154 -21.47 -11.54 -43.22
N ASN A 155 -20.76 -10.43 -43.45
CA ASN A 155 -21.30 -9.09 -43.27
C ASN A 155 -22.00 -8.64 -44.55
N VAL A 156 -23.10 -9.32 -44.85
CA VAL A 156 -23.89 -9.03 -46.04
C VAL A 156 -24.60 -7.69 -45.83
N PRO A 157 -25.00 -6.99 -46.89
CA PRO A 157 -25.58 -5.65 -46.70
C PRO A 157 -26.86 -5.63 -45.89
N GLY A 158 -27.57 -6.76 -45.79
CA GLY A 158 -28.80 -6.79 -45.03
C GLY A 158 -28.63 -7.29 -43.61
N SER A 159 -27.53 -6.90 -42.96
CA SER A 159 -27.22 -7.34 -41.61
C SER A 159 -27.32 -6.21 -40.58
N TRP A 160 -28.25 -5.28 -40.77
CA TRP A 160 -28.41 -4.16 -39.85
C TRP A 160 -29.88 -3.95 -39.52
N LYS A 161 -30.14 -3.49 -38.30
CA LYS A 161 -31.48 -3.22 -37.79
C LYS A 161 -31.42 -1.95 -36.97
N GLU A 162 -32.45 -1.10 -37.11
CA GLU A 162 -32.31 0.14 -36.36
C GLU A 162 -33.10 0.07 -35.05
N PRO A 163 -32.60 0.73 -34.01
CA PRO A 163 -33.31 0.72 -32.72
C PRO A 163 -34.63 1.44 -32.80
N GLY A 164 -35.57 0.98 -31.97
CA GLY A 164 -36.87 1.63 -31.86
C GLY A 164 -37.56 1.20 -30.60
N ILE A 165 -38.38 2.09 -30.06
CA ILE A 165 -39.09 1.80 -28.82
C ILE A 165 -40.02 0.61 -29.01
N GLY A 166 -40.67 0.51 -30.17
CA GLY A 166 -41.64 -0.53 -30.43
C GLY A 166 -41.11 -1.94 -30.41
N TRP A 167 -40.03 -2.20 -31.16
CA TRP A 167 -39.55 -3.58 -31.25
C TRP A 167 -38.62 -3.95 -30.09
N MET A 168 -37.87 -2.97 -29.56
CA MET A 168 -36.97 -3.28 -28.45
C MET A 168 -37.74 -3.60 -27.18
N THR A 169 -38.85 -2.89 -26.94
CA THR A 169 -39.70 -3.23 -25.81
C THR A 169 -40.38 -4.57 -26.01
N GLY A 170 -40.93 -4.80 -27.20
CA GLY A 170 -41.57 -6.08 -27.49
C GLY A 170 -40.60 -7.24 -27.47
N PHE A 171 -39.36 -6.98 -27.91
CA PHE A 171 -38.32 -8.01 -27.83
C PHE A 171 -38.06 -8.41 -26.39
N LEU A 172 -38.00 -7.43 -25.48
CA LEU A 172 -37.66 -7.71 -24.10
C LEU A 172 -38.78 -8.43 -23.37
N LEU A 173 -40.04 -8.05 -23.63
CA LEU A 173 -41.15 -8.60 -22.86
C LEU A 173 -41.28 -10.10 -23.07
N ALA A 174 -41.14 -10.56 -24.31
CA ALA A 174 -41.29 -11.99 -24.59
C ALA A 174 -40.16 -12.80 -23.97
N CYS A 175 -38.94 -12.28 -24.03
CA CYS A 175 -37.77 -13.09 -23.70
C CYS A 175 -37.37 -12.94 -22.22
N SER A 176 -37.63 -11.79 -21.62
CA SER A 176 -37.14 -11.54 -20.26
C SER A 176 -37.79 -12.43 -19.20
N PHE A 177 -39.10 -12.69 -19.32
CA PHE A 177 -39.78 -13.49 -18.30
C PHE A 177 -39.48 -14.98 -18.42
N GLY A 178 -38.77 -15.40 -19.47
CA GLY A 178 -38.37 -16.80 -19.57
C GLY A 178 -37.44 -17.21 -18.44
N GLY A 179 -36.50 -16.34 -18.09
CA GLY A 179 -35.57 -16.66 -17.01
C GLY A 179 -36.24 -16.74 -15.66
N LEU A 180 -37.26 -15.91 -15.43
CA LEU A 180 -37.91 -15.87 -14.12
C LEU A 180 -38.59 -17.18 -13.77
N LEU A 181 -39.27 -17.80 -14.74
CA LEU A 181 -40.03 -19.01 -14.46
C LEU A 181 -39.10 -20.18 -14.12
N THR A 182 -37.91 -20.22 -14.72
CA THR A 182 -36.98 -21.30 -14.42
C THR A 182 -36.47 -21.21 -12.99
N LEU A 183 -36.55 -20.03 -12.37
CA LEU A 183 -36.03 -19.83 -11.03
C LEU A 183 -36.78 -20.63 -9.97
N ILE A 184 -38.07 -20.92 -10.17
CA ILE A 184 -38.88 -21.56 -9.14
C ILE A 184 -38.37 -22.97 -8.83
N PRO A 185 -38.14 -23.85 -9.79
CA PRO A 185 -37.56 -25.16 -9.44
C PRO A 185 -36.10 -25.09 -9.02
N LEU A 186 -35.34 -24.17 -9.58
CA LEU A 186 -33.92 -24.03 -9.22
C LEU A 186 -33.77 -23.48 -7.81
N ARG A 187 -34.78 -22.76 -7.32
CA ARG A 187 -34.69 -22.12 -6.01
C ARG A 187 -34.51 -23.14 -4.90
N GLN A 188 -35.26 -24.24 -4.96
CA GLN A 188 -35.18 -25.25 -3.90
C GLN A 188 -33.86 -26.02 -3.98
N VAL A 189 -33.43 -26.36 -5.19
CA VAL A 189 -32.26 -27.23 -5.36
C VAL A 189 -30.98 -26.50 -4.97
N LEU A 190 -30.86 -25.22 -5.34
CA LEU A 190 -29.57 -24.55 -5.21
C LEU A 190 -29.46 -23.79 -3.89
N VAL A 191 -30.49 -23.03 -3.53
CA VAL A 191 -30.37 -22.13 -2.38
C VAL A 191 -30.30 -22.91 -1.07
N VAL A 192 -31.16 -23.90 -0.90
CA VAL A 192 -31.32 -24.58 0.39
C VAL A 192 -30.85 -26.03 0.32
N ASP A 193 -31.03 -26.70 -0.82
CA ASP A 193 -30.68 -28.11 -0.90
C ASP A 193 -29.17 -28.29 -1.04
N TYR A 194 -28.58 -27.73 -2.10
CA TYR A 194 -27.13 -27.79 -2.27
C TYR A 194 -26.39 -26.90 -1.27
N LYS A 195 -27.11 -26.02 -0.57
CA LYS A 195 -26.51 -25.14 0.43
C LYS A 195 -25.42 -24.28 -0.18
N LEU A 196 -25.62 -23.85 -1.42
CA LEU A 196 -24.69 -22.94 -2.06
C LEU A 196 -24.73 -21.58 -1.37
N VAL A 197 -23.56 -21.04 -1.09
CA VAL A 197 -23.44 -19.71 -0.47
C VAL A 197 -23.19 -18.70 -1.59
N TYR A 198 -24.11 -17.76 -1.73
CA TYR A 198 -23.92 -16.67 -2.68
C TYR A 198 -23.30 -15.50 -1.92
N PRO A 199 -21.99 -15.29 -2.03
CA PRO A 199 -21.33 -14.31 -1.15
C PRO A 199 -21.91 -12.90 -1.26
N SER A 200 -22.27 -12.45 -2.46
CA SER A 200 -22.90 -11.14 -2.57
C SER A 200 -24.32 -11.14 -2.02
N GLY A 201 -25.07 -12.22 -2.23
CA GLY A 201 -26.38 -12.33 -1.63
C GLY A 201 -26.32 -12.48 -0.12
N THR A 202 -25.35 -13.24 0.38
CA THR A 202 -25.17 -13.36 1.82
C THR A 202 -24.76 -12.04 2.44
N ALA A 203 -23.85 -11.31 1.79
CA ALA A 203 -23.41 -10.02 2.33
C ALA A 203 -24.55 -9.01 2.36
N THR A 204 -25.37 -8.99 1.31
CA THR A 204 -26.51 -8.07 1.27
C THR A 204 -27.53 -8.41 2.35
N ALA A 205 -27.76 -9.70 2.61
CA ALA A 205 -28.68 -10.10 3.66
C ALA A 205 -28.20 -9.65 5.03
N ILE A 206 -26.89 -9.81 5.29
CA ILE A 206 -26.34 -9.36 6.57
C ILE A 206 -26.39 -7.84 6.67
N LEU A 207 -26.13 -7.14 5.55
CA LEU A 207 -26.27 -5.69 5.54
C LEU A 207 -27.69 -5.26 5.85
N ILE A 208 -28.68 -5.91 5.22
CA ILE A 208 -30.07 -5.53 5.42
C ILE A 208 -30.52 -5.88 6.83
N ASN A 209 -30.12 -7.04 7.34
CA ASN A 209 -30.49 -7.43 8.69
C ASN A 209 -29.93 -6.46 9.73
N GLY A 210 -28.70 -6.00 9.52
CA GLY A 210 -28.12 -5.02 10.42
C GLY A 210 -28.89 -3.71 10.43
N PHE A 211 -29.40 -3.29 9.27
CA PHE A 211 -30.19 -2.08 9.19
C PHE A 211 -31.46 -2.15 10.02
N HIS A 212 -32.07 -3.33 10.15
CA HIS A 212 -33.38 -3.46 10.76
C HIS A 212 -33.38 -4.22 12.07
N THR A 213 -32.23 -4.67 12.56
CA THR A 213 -32.20 -5.32 13.86
C THR A 213 -32.37 -4.27 14.96
N ASP A 214 -33.22 -4.59 15.94
CA ASP A 214 -33.55 -3.67 17.02
C ASP A 214 -33.46 -4.31 18.39
N GLN A 215 -32.83 -5.49 18.48
CA GLN A 215 -32.73 -6.23 19.73
C GLN A 215 -31.32 -6.09 20.30
N GLY A 216 -31.25 -5.86 21.62
CA GLY A 216 -29.99 -5.75 22.31
C GLY A 216 -29.59 -7.10 22.88
N ASP A 217 -28.58 -7.70 22.26
CA ASP A 217 -28.10 -9.02 22.64
C ASP A 217 -26.62 -8.97 22.95
N LYS A 218 -26.13 -10.05 23.56
CA LYS A 218 -24.70 -10.16 23.85
C LYS A 218 -23.87 -10.20 22.58
N ASN A 219 -24.44 -10.70 21.49
CA ASN A 219 -23.73 -10.82 20.21
C ASN A 219 -24.18 -9.82 19.17
N SER A 220 -25.45 -9.40 19.19
CA SER A 220 -25.95 -8.50 18.16
C SER A 220 -25.19 -7.18 18.14
N ARG A 221 -24.87 -6.64 19.31
CA ARG A 221 -24.09 -5.42 19.38
C ARG A 221 -22.69 -5.63 18.82
N LYS A 222 -22.10 -6.80 19.09
CA LYS A 222 -20.75 -7.08 18.60
C LYS A 222 -20.73 -7.30 17.10
N GLN A 223 -21.80 -7.90 16.55
CA GLN A 223 -21.88 -8.09 15.11
C GLN A 223 -21.90 -6.75 14.38
N ILE A 224 -22.71 -5.80 14.86
CA ILE A 224 -22.86 -4.52 14.17
C ILE A 224 -21.58 -3.70 14.28
N ARG A 225 -21.02 -3.62 15.49
CA ARG A 225 -19.82 -2.81 15.69
C ARG A 225 -18.64 -3.38 14.93
N GLY A 226 -18.50 -4.70 14.89
CA GLY A 226 -17.47 -5.30 14.06
C GLY A 226 -17.71 -5.06 12.58
N PHE A 227 -18.98 -5.12 12.15
CA PHE A 227 -19.30 -4.84 10.75
C PHE A 227 -18.96 -3.40 10.39
N LEU A 228 -19.27 -2.46 11.27
CA LEU A 228 -19.09 -1.05 10.94
C LEU A 228 -17.62 -0.66 10.87
N LYS A 229 -16.78 -1.25 11.71
CA LYS A 229 -15.36 -0.93 11.67
C LYS A 229 -14.73 -1.35 10.35
N TYR A 230 -15.07 -2.54 9.84
CA TYR A 230 -14.52 -3.02 8.59
C TYR A 230 -15.26 -2.49 7.37
N PHE A 231 -16.52 -2.08 7.53
CA PHE A 231 -17.23 -1.43 6.43
C PHE A 231 -16.61 -0.07 6.12
N GLY A 232 -16.37 0.74 7.15
CA GLY A 232 -15.76 2.04 6.94
C GLY A 232 -14.32 1.92 6.45
N GLY A 233 -13.58 0.96 6.98
CA GLY A 233 -12.22 0.75 6.52
C GLY A 233 -12.17 0.31 5.06
N SER A 234 -13.06 -0.61 4.68
CA SER A 234 -13.12 -1.07 3.29
C SER A 234 -13.57 0.05 2.36
N PHE A 235 -14.55 0.84 2.78
CA PHE A 235 -15.02 1.94 1.96
C PHE A 235 -13.93 2.99 1.75
N LEU A 236 -13.23 3.36 2.82
CA LEU A 236 -12.18 4.36 2.71
C LEU A 236 -10.98 3.82 1.95
N TRP A 237 -10.69 2.53 2.08
CA TRP A 237 -9.62 1.92 1.31
C TRP A 237 -9.93 1.98 -0.19
N SER A 238 -11.16 1.66 -0.58
CA SER A 238 -11.55 1.75 -1.98
C SER A 238 -11.56 3.20 -2.46
N PHE A 239 -12.01 4.11 -1.59
CA PHE A 239 -12.00 5.53 -1.93
C PHE A 239 -10.57 6.03 -2.15
N PHE A 240 -9.65 5.64 -1.27
CA PHE A 240 -8.26 6.04 -1.42
C PHE A 240 -7.64 5.47 -2.69
N GLN A 241 -7.98 4.23 -3.03
CA GLN A 241 -7.43 3.58 -4.21
C GLN A 241 -7.80 4.34 -5.48
N TRP A 242 -8.95 4.99 -5.51
CA TRP A 242 -9.47 5.57 -6.75
C TRP A 242 -8.55 6.64 -7.31
N PHE A 243 -7.84 7.37 -6.45
CA PHE A 243 -7.04 8.50 -6.91
C PHE A 243 -5.80 8.06 -7.69
N TYR A 244 -5.45 6.79 -7.65
CA TYR A 244 -4.22 6.30 -8.26
C TYR A 244 -4.46 5.31 -9.38
N THR A 245 -5.72 5.01 -9.70
CA THR A 245 -6.07 4.21 -10.87
C THR A 245 -6.37 5.09 -12.06
N GLY A 246 -5.45 6.00 -12.36
CA GLY A 246 -5.67 6.99 -13.41
C GLY A 246 -4.94 6.66 -14.70
N GLY A 247 -4.95 5.38 -15.07
CA GLY A 247 -4.32 4.99 -16.31
C GLY A 247 -4.63 3.55 -16.62
N ASP A 248 -4.18 3.11 -17.80
CA ASP A 248 -4.38 1.73 -18.23
C ASP A 248 -3.42 0.83 -17.46
N ALA A 249 -3.97 -0.08 -16.65
CA ALA A 249 -3.20 -1.06 -15.90
C ALA A 249 -2.19 -0.37 -14.98
N CYS A 250 -2.72 0.40 -14.02
CA CYS A 250 -1.89 1.02 -13.00
C CYS A 250 -2.75 1.37 -11.79
N GLY A 251 -2.23 1.13 -10.60
CA GLY A 251 -2.96 1.32 -9.38
C GLY A 251 -2.69 0.17 -8.43
N PHE A 252 -3.38 0.18 -7.29
CA PHE A 252 -3.29 -0.94 -6.37
C PHE A 252 -3.93 -2.19 -6.95
N VAL A 253 -4.85 -2.02 -7.90
CA VAL A 253 -5.50 -3.17 -8.52
C VAL A 253 -4.51 -3.93 -9.40
N GLN A 254 -3.63 -3.23 -10.11
CA GLN A 254 -2.59 -3.87 -10.91
C GLN A 254 -1.26 -3.89 -10.16
N PHE A 255 -1.25 -4.48 -8.97
CA PHE A 255 -0.06 -4.47 -8.12
C PHE A 255 0.72 -5.77 -8.28
N PRO A 256 1.96 -5.73 -8.78
CA PRO A 256 2.79 -6.94 -8.95
C PRO A 256 3.43 -7.40 -7.64
N THR A 257 2.62 -8.07 -6.81
CA THR A 257 3.08 -8.44 -5.48
C THR A 257 4.13 -9.56 -5.54
N PHE A 258 4.18 -10.30 -6.64
CA PHE A 258 5.14 -11.37 -6.81
C PHE A 258 6.08 -11.14 -7.99
N GLY A 259 6.16 -9.91 -8.48
CA GLY A 259 7.03 -9.56 -9.58
C GLY A 259 6.26 -9.24 -10.84
N LEU A 260 6.97 -8.61 -11.77
CA LEU A 260 6.37 -8.19 -13.03
C LEU A 260 6.18 -9.37 -13.98
N LYS A 261 7.06 -10.36 -13.92
CA LYS A 261 6.89 -11.55 -14.75
C LYS A 261 5.64 -12.33 -14.35
N ALA A 262 5.39 -12.48 -13.05
CA ALA A 262 4.19 -13.17 -12.60
C ALA A 262 2.94 -12.33 -12.85
N TRP A 263 3.08 -11.01 -12.80
CA TRP A 263 1.93 -10.13 -13.02
C TRP A 263 1.42 -10.24 -14.45
N LYS A 264 2.33 -10.30 -15.42
CA LYS A 264 1.91 -10.46 -16.81
C LYS A 264 1.19 -11.79 -17.03
N GLN A 265 1.47 -12.77 -16.18
CA GLN A 265 0.77 -14.05 -16.20
C GLN A 265 -0.47 -14.04 -15.32
N THR A 266 -0.88 -12.86 -14.85
CA THR A 266 -2.07 -12.67 -14.00
C THR A 266 -1.95 -13.51 -12.72
N PHE A 267 -0.78 -13.45 -12.11
CA PHE A 267 -0.49 -14.17 -10.87
C PHE A 267 -0.02 -13.21 -9.80
N TYR A 268 -0.76 -12.12 -9.63
CA TYR A 268 -0.49 -11.08 -8.65
C TYR A 268 -1.61 -11.06 -7.61
N PHE A 269 -1.52 -10.11 -6.69
CA PHE A 269 -2.54 -9.89 -5.68
C PHE A 269 -3.03 -8.45 -5.79
N ASP A 270 -4.20 -8.28 -6.39
CA ASP A 270 -4.89 -6.99 -6.30
C ASP A 270 -5.49 -6.83 -4.92
N PHE A 271 -5.52 -5.60 -4.43
CA PHE A 271 -5.98 -5.32 -3.08
C PHE A 271 -7.50 -5.20 -3.01
N SER A 272 -8.19 -6.21 -3.53
CA SER A 272 -9.64 -6.20 -3.65
C SER A 272 -10.25 -6.87 -2.43
N MET A 273 -10.99 -6.10 -1.64
CA MET A 273 -11.68 -6.65 -0.48
C MET A 273 -12.94 -7.41 -0.84
N THR A 274 -13.46 -7.21 -2.06
CA THR A 274 -14.60 -8.00 -2.51
C THR A 274 -14.24 -9.47 -2.65
N TYR A 275 -13.12 -9.76 -3.30
CA TYR A 275 -12.70 -11.15 -3.48
C TYR A 275 -12.11 -11.73 -2.22
N VAL A 276 -11.42 -10.91 -1.41
CA VAL A 276 -10.95 -11.38 -0.11
C VAL A 276 -12.12 -11.68 0.80
N GLY A 277 -13.13 -10.80 0.82
CA GLY A 277 -14.31 -11.07 1.62
C GLY A 277 -15.12 -12.24 1.10
N ALA A 278 -15.15 -12.41 -0.23
CA ALA A 278 -15.86 -13.55 -0.80
C ALA A 278 -15.22 -14.87 -0.40
N GLY A 279 -13.89 -14.93 -0.39
CA GLY A 279 -13.22 -16.15 -0.01
C GLY A 279 -13.34 -16.51 1.45
N MET A 280 -13.66 -15.53 2.31
CA MET A 280 -13.78 -15.80 3.73
C MET A 280 -14.99 -16.66 4.05
N ILE A 281 -16.10 -16.48 3.32
CA ILE A 281 -17.32 -17.23 3.56
C ILE A 281 -17.51 -18.34 2.55
N CYS A 282 -16.52 -18.58 1.70
CA CYS A 282 -16.56 -19.75 0.82
C CYS A 282 -15.76 -20.89 1.44
N PRO A 283 -16.20 -22.14 1.24
CA PRO A 283 -15.45 -23.27 1.77
C PRO A 283 -14.07 -23.37 1.14
N HIS A 284 -13.13 -23.95 1.89
CA HIS A 284 -11.73 -23.98 1.47
C HIS A 284 -11.55 -24.74 0.16
N ILE A 285 -12.36 -25.76 -0.08
CA ILE A 285 -12.21 -26.55 -1.31
C ILE A 285 -12.58 -25.71 -2.53
N VAL A 286 -13.54 -24.80 -2.38
CA VAL A 286 -13.89 -23.90 -3.47
C VAL A 286 -12.73 -22.95 -3.76
N ASN A 287 -12.09 -22.44 -2.71
CA ASN A 287 -10.97 -21.52 -2.89
C ASN A 287 -9.74 -22.24 -3.43
N ILE A 288 -9.48 -23.46 -2.95
CA ILE A 288 -8.32 -24.21 -3.43
C ILE A 288 -8.53 -24.64 -4.88
N SER A 289 -9.74 -25.05 -5.24
CA SER A 289 -10.03 -25.40 -6.62
C SER A 289 -9.86 -24.21 -7.54
N THR A 290 -10.23 -23.02 -7.06
CA THR A 290 -10.03 -21.81 -7.85
C THR A 290 -8.54 -21.56 -8.11
N LEU A 291 -7.71 -21.74 -7.08
CA LEU A 291 -6.26 -21.62 -7.26
C LEU A 291 -5.71 -22.72 -8.16
N LEU A 292 -6.24 -23.94 -8.02
CA LEU A 292 -5.78 -25.04 -8.84
C LEU A 292 -6.07 -24.80 -10.32
N GLY A 293 -7.24 -24.25 -10.63
CA GLY A 293 -7.56 -23.93 -12.02
C GLY A 293 -6.69 -22.83 -12.58
N ALA A 294 -6.29 -21.87 -11.74
CA ALA A 294 -5.41 -20.80 -12.20
C ALA A 294 -4.02 -21.33 -12.50
N ILE A 295 -3.52 -22.27 -11.70
CA ILE A 295 -2.20 -22.84 -11.92
C ILE A 295 -2.21 -23.71 -13.18
N ILE A 296 -3.25 -24.52 -13.36
CA ILE A 296 -3.33 -25.38 -14.53
C ILE A 296 -3.45 -24.56 -15.80
N SER A 297 -4.26 -23.51 -15.79
CA SER A 297 -4.50 -22.75 -17.00
C SER A 297 -3.38 -21.75 -17.29
N TRP A 298 -3.22 -20.75 -16.43
CA TRP A 298 -2.25 -19.69 -16.68
C TRP A 298 -0.82 -20.07 -16.34
N GLY A 299 -0.62 -21.10 -15.49
CA GLY A 299 0.73 -21.50 -15.15
C GLY A 299 1.30 -22.58 -16.05
N ILE A 300 0.43 -23.38 -16.65
CA ILE A 300 0.88 -24.51 -17.45
C ILE A 300 0.37 -24.42 -18.88
N MET A 301 -0.96 -24.40 -19.05
CA MET A 301 -1.54 -24.57 -20.37
C MET A 301 -1.24 -23.40 -21.29
N TRP A 302 -1.53 -22.17 -20.85
CA TRP A 302 -1.47 -21.08 -21.81
C TRP A 302 -0.04 -20.78 -22.25
N PRO A 303 0.98 -20.82 -21.38
CA PRO A 303 2.36 -20.75 -21.90
C PRO A 303 2.70 -21.87 -22.87
N LEU A 304 2.18 -23.07 -22.63
CA LEU A 304 2.51 -24.20 -23.51
C LEU A 304 1.80 -24.06 -24.85
N ILE A 305 0.52 -23.67 -24.83
CA ILE A 305 -0.21 -23.49 -26.08
C ILE A 305 0.33 -22.29 -26.86
N SER A 306 0.75 -21.24 -26.14
CA SER A 306 1.27 -20.04 -26.79
C SER A 306 2.60 -20.28 -27.50
N LYS A 307 3.26 -21.42 -27.26
CA LYS A 307 4.50 -21.75 -27.94
C LYS A 307 4.29 -22.12 -29.40
N ASN A 308 3.04 -22.22 -29.84
CA ASN A 308 2.68 -22.55 -31.22
C ASN A 308 1.90 -21.42 -31.86
N LYS A 309 2.37 -20.19 -31.65
CA LYS A 309 1.68 -19.00 -32.15
C LYS A 309 1.69 -18.91 -33.66
N GLY A 310 2.48 -19.72 -34.35
CA GLY A 310 2.49 -19.71 -35.80
C GLY A 310 1.99 -20.99 -36.41
N ASP A 311 2.04 -22.08 -35.64
CA ASP A 311 1.69 -23.39 -36.19
C ASP A 311 0.23 -23.74 -35.94
N TRP A 312 -0.25 -23.56 -34.71
CA TRP A 312 -1.62 -23.94 -34.34
C TRP A 312 -2.63 -22.87 -34.73
N TYR A 313 -2.31 -21.61 -34.51
CA TYR A 313 -3.17 -20.51 -34.89
C TYR A 313 -2.36 -19.39 -35.54
N PRO A 314 -2.99 -18.55 -36.36
CA PRO A 314 -2.23 -17.47 -37.00
C PRO A 314 -1.68 -16.47 -35.98
N ALA A 315 -0.53 -15.90 -36.32
CA ALA A 315 0.11 -14.91 -35.46
C ALA A 315 -0.25 -13.48 -35.83
N LYS A 316 -0.82 -13.25 -37.01
CA LYS A 316 -1.23 -11.90 -37.39
C LYS A 316 -2.53 -11.50 -36.68
N VAL A 317 -3.44 -12.44 -36.50
CA VAL A 317 -4.70 -12.12 -35.82
C VAL A 317 -4.41 -11.82 -34.35
N PRO A 318 -5.07 -10.81 -33.76
CA PRO A 318 -4.82 -10.51 -32.35
C PRO A 318 -5.37 -11.59 -31.43
N GLU A 319 -4.80 -11.67 -30.24
CA GLU A 319 -5.38 -12.54 -29.21
C GLU A 319 -6.72 -12.00 -28.77
N SER A 320 -7.37 -12.70 -27.85
CA SER A 320 -8.73 -12.39 -27.40
C SER A 320 -9.73 -12.61 -28.53
N SER A 321 -9.27 -13.20 -29.63
CA SER A 321 -10.12 -13.55 -30.75
C SER A 321 -10.39 -15.06 -30.75
N MET A 322 -11.48 -15.46 -31.38
CA MET A 322 -11.87 -16.86 -31.43
C MET A 322 -10.88 -17.68 -32.26
N LYS A 323 -9.99 -17.01 -32.99
CA LYS A 323 -9.03 -17.68 -33.84
C LYS A 323 -7.64 -17.79 -33.23
N SER A 324 -7.35 -17.09 -32.13
CA SER A 324 -5.98 -17.03 -31.59
C SER A 324 -6.03 -17.03 -30.06
N LEU A 325 -5.89 -18.22 -29.48
CA LEU A 325 -5.60 -18.41 -28.06
C LEU A 325 -6.77 -18.07 -27.15
N TYR A 326 -7.82 -17.46 -27.70
CA TYR A 326 -9.01 -17.22 -26.90
C TYR A 326 -10.10 -18.25 -27.18
N GLY A 327 -10.04 -18.91 -28.35
CA GLY A 327 -10.84 -20.09 -28.55
C GLY A 327 -10.53 -21.16 -27.53
N TYR A 328 -9.25 -21.31 -27.18
CA TYR A 328 -8.88 -22.20 -26.09
C TYR A 328 -9.44 -21.71 -24.76
N LYS A 329 -9.34 -20.40 -24.49
CA LYS A 329 -9.82 -19.86 -23.23
C LYS A 329 -11.31 -20.08 -23.06
N ALA A 330 -12.10 -19.72 -24.08
CA ALA A 330 -13.55 -19.76 -23.95
C ALA A 330 -14.10 -21.18 -23.99
N PHE A 331 -13.57 -22.01 -24.90
CA PHE A 331 -14.18 -23.32 -25.12
C PHE A 331 -13.76 -24.31 -24.04
N ILE A 332 -12.54 -24.23 -23.55
CA ILE A 332 -12.13 -25.09 -22.45
C ILE A 332 -12.85 -24.70 -21.17
N CYS A 333 -13.07 -23.40 -20.96
CA CYS A 333 -13.76 -22.94 -19.76
C CYS A 333 -15.20 -23.44 -19.72
N ILE A 334 -15.92 -23.35 -20.85
CA ILE A 334 -17.30 -23.83 -20.86
C ILE A 334 -17.35 -25.34 -20.77
N ALA A 335 -16.40 -26.04 -21.40
CA ALA A 335 -16.38 -27.49 -21.34
C ALA A 335 -16.18 -27.98 -19.90
N LEU A 336 -15.31 -27.32 -19.15
CA LEU A 336 -15.18 -27.62 -17.72
C LEU A 336 -16.47 -27.34 -16.99
N ILE A 337 -17.13 -26.23 -17.30
CA ILE A 337 -18.40 -25.90 -16.67
C ILE A 337 -19.49 -26.85 -17.13
N MET A 338 -19.58 -27.09 -18.44
CA MET A 338 -20.63 -27.96 -18.96
C MET A 338 -20.37 -29.42 -18.59
N GLY A 339 -19.11 -29.82 -18.52
CA GLY A 339 -18.80 -31.17 -18.06
C GLY A 339 -19.29 -31.42 -16.66
N ASP A 340 -19.06 -30.47 -15.76
CA ASP A 340 -19.58 -30.55 -14.40
C ASP A 340 -21.08 -30.25 -14.40
N GLY A 341 -21.53 -29.29 -15.21
CA GLY A 341 -22.92 -28.91 -15.20
C GLY A 341 -23.85 -30.00 -15.70
N MET A 342 -23.46 -30.70 -16.78
CA MET A 342 -24.33 -31.75 -17.30
C MET A 342 -24.46 -32.92 -16.35
N TYR A 343 -23.38 -33.26 -15.61
CA TYR A 343 -23.49 -34.33 -14.64
C TYR A 343 -24.50 -34.00 -13.56
N HIS A 344 -24.48 -32.77 -13.06
CA HIS A 344 -25.38 -32.38 -11.98
C HIS A 344 -26.82 -32.31 -12.47
N PHE A 345 -27.06 -31.62 -13.59
CA PHE A 345 -28.44 -31.44 -14.06
C PHE A 345 -29.11 -32.77 -14.34
N ILE A 346 -28.35 -33.74 -14.86
CA ILE A 346 -28.89 -35.09 -15.04
C ILE A 346 -29.21 -35.71 -13.68
N LYS A 347 -28.39 -35.42 -12.68
CA LYS A 347 -28.59 -36.04 -11.37
C LYS A 347 -29.89 -35.60 -10.72
N ILE A 348 -30.22 -34.30 -10.79
CA ILE A 348 -31.53 -33.86 -10.31
C ILE A 348 -32.65 -34.50 -11.13
N VAL A 349 -32.47 -34.54 -12.45
CA VAL A 349 -33.48 -35.17 -13.30
C VAL A 349 -33.60 -36.66 -12.97
N GLY A 350 -32.48 -37.34 -12.78
CA GLY A 350 -32.52 -38.75 -12.44
C GLY A 350 -33.16 -39.01 -11.09
N ILE A 351 -32.82 -38.20 -10.09
CA ILE A 351 -33.42 -38.36 -8.76
C ILE A 351 -34.92 -38.09 -8.82
N THR A 352 -35.32 -37.03 -9.51
CA THR A 352 -36.74 -36.71 -9.62
C THR A 352 -37.49 -37.80 -10.39
N ALA A 353 -36.88 -38.31 -11.46
CA ALA A 353 -37.54 -39.34 -12.26
C ALA A 353 -37.77 -40.61 -11.43
N MET A 354 -36.78 -41.00 -10.63
CA MET A 354 -36.96 -42.16 -9.76
C MET A 354 -38.03 -41.90 -8.71
N SER A 355 -38.07 -40.69 -8.16
CA SER A 355 -39.06 -40.37 -7.13
C SER A 355 -40.48 -40.48 -7.67
N MET A 356 -40.72 -39.98 -8.87
CA MET A 356 -42.06 -40.04 -9.44
C MET A 356 -42.45 -41.48 -9.79
N TYR A 357 -41.49 -42.28 -10.28
CA TYR A 357 -41.77 -43.66 -10.61
C TYR A 357 -42.13 -44.47 -9.35
N ARG A 358 -41.44 -44.20 -8.25
CA ARG A 358 -41.74 -44.92 -7.01
C ARG A 358 -43.13 -44.59 -6.51
N GLN A 359 -43.55 -43.33 -6.63
CA GLN A 359 -44.89 -42.91 -6.23
C GLN A 359 -45.96 -43.60 -7.07
N PRO A 393 -46.42 -27.04 -7.43
CA PRO A 393 -45.98 -25.80 -8.09
C PRO A 393 -44.77 -26.03 -8.99
N SER A 394 -44.17 -27.22 -8.91
CA SER A 394 -43.01 -27.52 -9.73
C SER A 394 -43.37 -27.54 -11.21
N TRP A 395 -44.46 -28.21 -11.57
CA TRP A 395 -44.87 -28.27 -12.97
C TRP A 395 -45.65 -27.02 -13.37
N MET A 396 -46.10 -26.24 -12.38
CA MET A 396 -46.76 -24.98 -12.68
C MET A 396 -45.80 -24.00 -13.36
N ALA A 397 -44.56 -23.93 -12.87
CA ALA A 397 -43.58 -22.99 -13.42
C ALA A 397 -43.19 -23.37 -14.84
N TYR A 398 -42.90 -24.65 -15.07
CA TYR A 398 -42.45 -25.07 -16.39
C TYR A 398 -43.58 -25.01 -17.41
N ALA A 399 -44.82 -25.18 -16.96
CA ALA A 399 -45.95 -24.94 -17.85
C ALA A 399 -46.02 -23.48 -18.26
N GLY A 400 -45.79 -22.56 -17.31
CA GLY A 400 -45.72 -21.16 -17.64
C GLY A 400 -44.52 -20.82 -18.51
N TYR A 401 -43.39 -21.48 -18.24
CA TYR A 401 -42.21 -21.28 -19.07
C TYR A 401 -42.45 -21.72 -20.50
N ALA A 402 -43.15 -22.84 -20.69
CA ALA A 402 -43.47 -23.30 -22.04
C ALA A 402 -44.37 -22.32 -22.76
N LEU A 403 -45.33 -21.72 -22.04
CA LEU A 403 -46.20 -20.73 -22.65
C LEU A 403 -45.43 -19.51 -23.12
N PHE A 404 -44.49 -19.03 -22.29
CA PHE A 404 -43.64 -17.92 -22.71
C PHE A 404 -42.65 -18.36 -23.78
N SER A 405 -42.27 -19.63 -23.77
CA SER A 405 -41.41 -20.15 -24.84
C SER A 405 -42.10 -20.08 -26.20
N VAL A 406 -43.38 -20.49 -26.25
CA VAL A 406 -44.12 -20.44 -27.50
C VAL A 406 -44.33 -19.00 -27.95
N LEU A 407 -44.52 -18.10 -27.00
CA LEU A 407 -44.72 -16.69 -27.34
C LEU A 407 -43.50 -16.12 -28.05
N ALA A 408 -42.30 -16.44 -27.58
CA ALA A 408 -41.10 -15.95 -28.23
C ALA A 408 -40.86 -16.64 -29.56
N VAL A 409 -41.27 -17.91 -29.68
CA VAL A 409 -41.05 -18.65 -30.91
C VAL A 409 -41.86 -18.04 -32.06
N VAL A 410 -43.07 -17.58 -31.78
CA VAL A 410 -43.91 -17.03 -32.82
C VAL A 410 -43.70 -15.52 -33.01
N THR A 411 -42.93 -14.87 -32.16
CA THR A 411 -42.78 -13.42 -32.18
C THR A 411 -41.41 -12.95 -32.63
N ILE A 412 -40.34 -13.58 -32.14
CA ILE A 412 -38.99 -13.14 -32.50
C ILE A 412 -38.72 -13.23 -34.00
N PRO A 413 -39.05 -14.31 -34.71
CA PRO A 413 -38.83 -14.33 -36.16
C PRO A 413 -39.61 -13.26 -36.91
N VAL A 414 -40.70 -12.75 -36.35
CA VAL A 414 -41.43 -11.66 -36.99
C VAL A 414 -40.57 -10.40 -37.03
N MET A 415 -39.94 -10.06 -35.90
CA MET A 415 -39.05 -8.90 -35.89
C MET A 415 -37.81 -9.16 -36.74
N PHE A 416 -37.23 -10.35 -36.64
CA PHE A 416 -36.00 -10.69 -37.35
C PHE A 416 -36.31 -11.84 -38.30
N LYS A 417 -36.51 -11.50 -39.58
CA LYS A 417 -36.66 -12.53 -40.61
C LYS A 417 -35.40 -13.38 -40.76
N GLN A 418 -34.26 -12.86 -40.29
CA GLN A 418 -33.00 -13.61 -40.32
C GLN A 418 -32.94 -14.71 -39.27
N VAL A 419 -33.87 -14.74 -38.33
CA VAL A 419 -33.88 -15.72 -37.25
C VAL A 419 -34.99 -16.71 -37.52
N LYS A 420 -34.67 -17.99 -37.54
CA LYS A 420 -35.63 -19.05 -37.81
C LYS A 420 -36.27 -19.53 -36.52
N TRP A 421 -37.44 -20.16 -36.65
CA TRP A 421 -38.24 -20.52 -35.50
C TRP A 421 -37.54 -21.55 -34.63
N TYR A 422 -36.86 -22.54 -35.24
CA TYR A 422 -36.24 -23.59 -34.45
C TYR A 422 -34.95 -23.14 -33.79
N TYR A 423 -34.38 -22.00 -34.22
CA TYR A 423 -33.29 -21.41 -33.46
C TYR A 423 -33.75 -21.00 -32.06
N VAL A 424 -34.94 -20.41 -31.97
CA VAL A 424 -35.48 -20.00 -30.68
C VAL A 424 -35.84 -21.22 -29.84
N VAL A 425 -36.36 -22.27 -30.47
CA VAL A 425 -36.74 -23.48 -29.73
C VAL A 425 -35.51 -24.10 -29.09
N ILE A 426 -34.42 -24.23 -29.84
CA ILE A 426 -33.19 -24.76 -29.26
C ILE A 426 -32.67 -23.84 -28.16
N ALA A 427 -32.75 -22.53 -28.37
CA ALA A 427 -32.28 -21.59 -27.35
C ALA A 427 -33.07 -21.72 -26.06
N TYR A 428 -34.38 -21.94 -26.16
CA TYR A 428 -35.22 -22.06 -24.99
C TYR A 428 -35.22 -23.46 -24.37
N VAL A 429 -34.66 -24.44 -25.05
CA VAL A 429 -34.55 -25.79 -24.49
C VAL A 429 -33.28 -25.96 -23.68
N VAL A 430 -32.15 -25.44 -24.19
CA VAL A 430 -30.91 -25.50 -23.44
C VAL A 430 -30.83 -24.41 -22.38
N ALA A 431 -31.75 -23.46 -22.39
CA ALA A 431 -31.73 -22.39 -21.39
C ALA A 431 -31.90 -22.90 -19.97
N PRO A 432 -32.83 -23.81 -19.65
CA PRO A 432 -32.81 -24.40 -18.29
C PRO A 432 -31.48 -25.07 -17.98
N MET A 433 -30.87 -25.72 -18.97
CA MET A 433 -29.54 -26.30 -18.79
C MET A 433 -28.49 -25.24 -18.54
N LEU A 434 -28.41 -24.24 -19.41
CA LEU A 434 -27.35 -23.25 -19.30
C LEU A 434 -27.55 -22.35 -18.08
N GLY A 435 -28.81 -22.07 -17.74
CA GLY A 435 -29.08 -21.26 -16.56
C GLY A 435 -28.71 -21.95 -15.26
N PHE A 436 -28.90 -23.27 -15.21
CA PHE A 436 -28.56 -24.02 -14.00
C PHE A 436 -27.07 -23.98 -13.72
N ALA A 437 -26.23 -24.13 -14.75
CA ALA A 437 -24.79 -24.11 -14.54
C ALA A 437 -24.31 -22.76 -14.05
N ASN A 438 -24.83 -21.67 -14.63
CA ASN A 438 -24.42 -20.34 -14.20
C ASN A 438 -24.85 -20.06 -12.77
N SER A 439 -26.06 -20.45 -12.39
CA SER A 439 -26.51 -20.26 -11.03
C SER A 439 -25.68 -21.10 -10.05
N TYR A 440 -25.33 -22.32 -10.45
CA TYR A 440 -24.45 -23.14 -9.63
C TYR A 440 -23.06 -22.52 -9.53
N GLY A 441 -22.55 -21.96 -10.63
CA GLY A 441 -21.26 -21.31 -10.59
C GLY A 441 -21.25 -20.05 -9.75
N THR A 442 -22.32 -19.25 -9.86
CA THR A 442 -22.43 -18.06 -9.03
C THR A 442 -22.58 -18.43 -7.56
N GLY A 443 -23.20 -19.57 -7.28
CA GLY A 443 -23.36 -20.00 -5.90
C GLY A 443 -22.09 -20.52 -5.28
N LEU A 444 -21.05 -20.75 -6.08
CA LEU A 444 -19.76 -21.19 -5.57
C LEU A 444 -18.77 -20.02 -5.48
N THR A 445 -18.51 -19.37 -6.60
CA THR A 445 -17.44 -18.40 -6.71
C THR A 445 -17.91 -16.96 -6.73
N ASP A 446 -19.22 -16.72 -6.74
CA ASP A 446 -19.82 -15.39 -6.80
C ASP A 446 -19.53 -14.67 -8.12
N ILE A 447 -19.15 -15.41 -9.16
CA ILE A 447 -18.82 -14.84 -10.46
C ILE A 447 -19.93 -15.23 -11.44
N ASN A 448 -20.63 -14.23 -11.95
CA ASN A 448 -21.62 -14.48 -12.98
C ASN A 448 -20.94 -14.59 -14.34
N MET A 449 -21.09 -15.75 -14.98
CA MET A 449 -20.45 -16.02 -16.27
C MET A 449 -21.42 -15.87 -17.44
N GLY A 450 -22.59 -15.27 -17.18
CA GLY A 450 -23.66 -15.30 -18.18
C GLY A 450 -23.28 -14.63 -19.49
N TYR A 451 -22.47 -13.58 -19.42
CA TYR A 451 -22.07 -12.90 -20.66
C TYR A 451 -21.03 -13.70 -21.41
N ASN A 452 -20.37 -14.66 -20.74
CA ASN A 452 -19.48 -15.58 -21.44
C ASN A 452 -20.26 -16.64 -22.19
N TYR A 453 -21.40 -17.07 -21.64
CA TYR A 453 -22.27 -18.01 -22.36
C TYR A 453 -22.80 -17.38 -23.64
N GLY A 454 -23.19 -16.10 -23.59
CA GLY A 454 -23.70 -15.45 -24.78
C GLY A 454 -22.70 -15.37 -25.91
N LYS A 455 -21.42 -15.20 -25.57
CA LYS A 455 -20.37 -15.20 -26.60
C LYS A 455 -20.27 -16.56 -27.28
N ILE A 456 -20.37 -17.64 -26.50
CA ILE A 456 -20.35 -18.97 -27.08
C ILE A 456 -21.60 -19.22 -27.91
N ALA A 457 -22.77 -18.84 -27.38
CA ALA A 457 -24.01 -19.01 -28.11
C ALA A 457 -24.03 -18.16 -29.38
N LEU A 458 -23.49 -16.94 -29.30
CA LEU A 458 -23.39 -16.10 -30.49
C LEU A 458 -22.52 -16.77 -31.55
N PHE A 459 -21.38 -17.33 -31.13
CA PHE A 459 -20.48 -17.98 -32.07
C PHE A 459 -21.12 -19.21 -32.69
N VAL A 460 -21.80 -20.02 -31.87
CA VAL A 460 -22.39 -21.26 -32.36
C VAL A 460 -23.56 -20.98 -33.29
N PHE A 461 -24.44 -20.06 -32.89
CA PHE A 461 -25.62 -19.76 -33.71
C PHE A 461 -25.24 -19.06 -35.00
N ALA A 462 -24.14 -18.29 -35.00
CA ALA A 462 -23.68 -17.68 -36.24
C ALA A 462 -23.18 -18.72 -37.22
N GLY A 463 -22.57 -19.81 -36.73
CA GLY A 463 -22.16 -20.89 -37.60
C GLY A 463 -23.28 -21.78 -38.06
N TRP A 464 -24.45 -21.68 -37.42
CA TRP A 464 -25.63 -22.42 -37.83
C TRP A 464 -26.38 -21.74 -38.97
N ALA A 465 -25.90 -20.59 -39.42
CA ALA A 465 -26.41 -19.93 -40.61
C ALA A 465 -25.23 -19.51 -41.48
N GLY A 466 -25.47 -19.44 -42.78
CA GLY A 466 -24.42 -19.14 -43.73
C GLY A 466 -24.04 -17.67 -43.73
N LYS A 467 -23.44 -17.24 -44.84
CA LYS A 467 -23.13 -15.82 -45.01
C LYS A 467 -24.40 -14.99 -44.99
N GLU A 468 -25.44 -15.46 -45.66
CA GLU A 468 -26.76 -14.87 -45.50
C GLU A 468 -27.25 -15.11 -44.07
N ASN A 469 -28.02 -14.14 -43.57
CA ASN A 469 -28.72 -14.14 -42.28
C ASN A 469 -27.94 -14.87 -41.18
N GLY A 470 -26.63 -14.64 -41.10
CA GLY A 470 -25.80 -15.30 -40.12
C GLY A 470 -25.33 -14.40 -38.99
N VAL A 471 -25.00 -13.14 -39.32
CA VAL A 471 -24.54 -12.21 -38.29
C VAL A 471 -25.70 -11.82 -37.39
N ILE A 472 -26.85 -11.50 -37.98
CA ILE A 472 -28.02 -11.12 -37.18
C ILE A 472 -28.51 -12.29 -36.34
N ALA A 473 -28.51 -13.50 -36.92
CA ALA A 473 -28.95 -14.68 -36.17
C ALA A 473 -28.05 -14.93 -34.97
N GLY A 474 -26.73 -14.77 -35.15
CA GLY A 474 -25.83 -14.96 -34.03
C GLY A 474 -26.00 -13.91 -32.95
N LEU A 475 -26.16 -12.65 -33.34
CA LEU A 475 -26.30 -11.58 -32.36
C LEU A 475 -27.62 -11.71 -31.59
N VAL A 476 -28.72 -11.99 -32.29
CA VAL A 476 -30.02 -12.09 -31.63
C VAL A 476 -30.09 -13.31 -30.74
N ALA A 477 -29.67 -14.47 -31.27
CA ALA A 477 -29.75 -15.70 -30.48
C ALA A 477 -28.79 -15.67 -29.30
N GLY A 478 -27.65 -14.98 -29.46
CA GLY A 478 -26.75 -14.79 -28.33
C GLY A 478 -27.37 -13.92 -27.25
N THR A 479 -28.21 -12.96 -27.66
CA THR A 479 -28.89 -12.11 -26.68
C THR A 479 -29.91 -12.90 -25.87
N LEU A 480 -30.64 -13.80 -26.52
CA LEU A 480 -31.61 -14.65 -25.80
C LEU A 480 -30.91 -15.53 -24.79
N VAL A 481 -29.82 -16.19 -25.20
CA VAL A 481 -29.14 -17.11 -24.30
C VAL A 481 -28.52 -16.36 -23.13
N LYS A 482 -27.90 -15.21 -23.39
CA LYS A 482 -27.30 -14.45 -22.31
C LYS A 482 -28.33 -14.01 -21.29
N GLN A 483 -29.48 -13.52 -21.75
CA GLN A 483 -30.48 -13.01 -20.82
C GLN A 483 -31.04 -14.11 -19.94
N LEU A 484 -31.37 -15.26 -20.54
CA LEU A 484 -31.87 -16.38 -19.76
C LEU A 484 -30.84 -16.86 -18.75
N VAL A 485 -29.58 -16.91 -19.16
CA VAL A 485 -28.52 -17.38 -18.29
C VAL A 485 -28.15 -16.33 -17.24
N LEU A 486 -27.99 -15.08 -17.67
CA LEU A 486 -27.49 -14.04 -16.77
C LEU A 486 -28.53 -13.67 -15.72
N ILE A 487 -29.80 -13.59 -16.11
CA ILE A 487 -30.86 -13.23 -15.17
C ILE A 487 -30.99 -14.28 -14.08
N SER A 488 -30.87 -15.56 -14.44
CA SER A 488 -31.03 -16.63 -13.47
C SER A 488 -29.99 -16.55 -12.36
N ALA A 489 -28.73 -16.30 -12.72
CA ALA A 489 -27.67 -16.24 -11.72
C ALA A 489 -27.79 -14.98 -10.87
N ASP A 490 -28.04 -13.82 -11.50
CA ASP A 490 -28.09 -12.57 -10.76
C ASP A 490 -29.27 -12.54 -9.80
N LEU A 491 -30.34 -13.26 -10.11
CA LEU A 491 -31.54 -13.20 -9.30
C LEU A 491 -31.65 -14.34 -8.30
N MET A 492 -30.77 -15.34 -8.37
CA MET A 492 -30.62 -16.29 -7.28
C MET A 492 -29.85 -15.67 -6.12
N GLN A 493 -29.02 -14.67 -6.39
CA GLN A 493 -28.41 -13.92 -5.31
C GLN A 493 -29.46 -13.22 -4.46
N ASP A 494 -30.61 -12.88 -5.06
CA ASP A 494 -31.70 -12.27 -4.31
C ASP A 494 -32.48 -13.29 -3.49
N PHE A 495 -32.57 -14.54 -3.96
CA PHE A 495 -33.28 -15.56 -3.19
C PHE A 495 -32.45 -16.02 -2.00
N LYS A 496 -31.13 -15.99 -2.12
CA LYS A 496 -30.28 -16.20 -0.94
C LYS A 496 -30.46 -15.08 0.06
N THR A 497 -30.59 -13.84 -0.41
CA THR A 497 -30.85 -12.71 0.48
C THR A 497 -32.20 -12.86 1.16
N SER A 498 -33.23 -13.27 0.40
CA SER A 498 -34.55 -13.45 0.98
C SER A 498 -34.60 -14.66 1.91
N TYR A 499 -33.76 -15.67 1.65
CA TYR A 499 -33.71 -16.83 2.52
C TYR A 499 -33.19 -16.45 3.90
N LEU A 500 -32.19 -15.57 3.96
CA LEU A 500 -31.61 -15.19 5.25
C LEU A 500 -32.43 -14.11 5.95
N THR A 501 -33.19 -13.32 5.19
CA THR A 501 -34.04 -12.29 5.78
C THR A 501 -35.45 -12.78 6.10
N GLN A 502 -35.71 -14.08 5.92
CA GLN A 502 -37.05 -14.66 6.11
C GLN A 502 -38.10 -13.90 5.31
N THR A 503 -37.82 -13.65 4.04
CA THR A 503 -38.79 -13.05 3.14
C THR A 503 -39.58 -14.13 2.43
N SER A 504 -40.84 -13.82 2.12
CA SER A 504 -41.71 -14.78 1.49
C SER A 504 -41.29 -15.01 0.04
N PRO A 505 -41.08 -16.27 -0.37
CA PRO A 505 -40.71 -16.52 -1.77
C PRO A 505 -41.74 -16.04 -2.77
N LYS A 506 -43.03 -16.14 -2.45
CA LYS A 506 -44.05 -15.74 -3.41
C LYS A 506 -44.09 -14.22 -3.58
N SER A 507 -43.82 -13.47 -2.50
CA SER A 507 -43.70 -12.03 -2.63
C SER A 507 -42.41 -11.66 -3.36
N MET A 508 -41.37 -12.48 -3.22
CA MET A 508 -40.16 -12.28 -3.99
C MET A 508 -40.42 -12.40 -5.48
N MET A 509 -41.21 -13.41 -5.89
CA MET A 509 -41.47 -13.62 -7.30
C MET A 509 -42.34 -12.51 -7.89
N ILE A 510 -43.24 -11.95 -7.09
CA ILE A 510 -44.02 -10.80 -7.55
C ILE A 510 -43.11 -9.60 -7.80
N ALA A 511 -42.15 -9.37 -6.89
CA ALA A 511 -41.17 -8.31 -7.12
C ALA A 511 -40.29 -8.62 -8.32
N GLN A 512 -40.06 -9.91 -8.60
CA GLN A 512 -39.34 -10.29 -9.81
C GLN A 512 -40.05 -9.79 -11.06
N VAL A 513 -41.34 -10.05 -11.17
CA VAL A 513 -42.08 -9.74 -12.40
C VAL A 513 -42.24 -8.24 -12.55
N VAL A 514 -42.61 -7.55 -11.46
CA VAL A 514 -42.85 -6.10 -11.54
C VAL A 514 -41.58 -5.37 -11.94
N GLY A 515 -40.45 -5.71 -11.32
CA GLY A 515 -39.20 -5.08 -11.69
C GLY A 515 -38.79 -5.40 -13.11
N THR A 516 -38.98 -6.65 -13.53
CA THR A 516 -38.69 -7.02 -14.91
C THR A 516 -39.62 -6.30 -15.88
N ALA A 517 -40.91 -6.19 -15.54
CA ALA A 517 -41.85 -5.48 -16.40
C ALA A 517 -41.48 -4.00 -16.52
N MET A 518 -41.12 -3.36 -15.40
CA MET A 518 -40.66 -1.99 -15.45
C MET A 518 -39.35 -1.87 -16.21
N GLY A 519 -38.43 -2.82 -16.01
CA GLY A 519 -37.17 -2.79 -16.73
C GLY A 519 -37.33 -2.92 -18.24
N CYS A 520 -38.26 -3.77 -18.68
CA CYS A 520 -38.51 -3.94 -20.10
C CYS A 520 -39.12 -2.71 -20.74
N ILE A 521 -39.59 -1.75 -19.94
CA ILE A 521 -40.15 -0.50 -20.44
C ILE A 521 -39.19 0.66 -20.24
N VAL A 522 -38.63 0.80 -19.04
CA VAL A 522 -37.75 1.93 -18.76
C VAL A 522 -36.49 1.87 -19.60
N SER A 523 -35.88 0.69 -19.70
CA SER A 523 -34.60 0.58 -20.41
C SER A 523 -34.69 0.94 -21.89
N PRO A 524 -35.67 0.46 -22.67
CA PRO A 524 -35.77 0.92 -24.07
C PRO A 524 -35.97 2.42 -24.20
N LEU A 525 -36.81 3.04 -23.36
CA LEU A 525 -36.97 4.49 -23.44
C LEU A 525 -35.74 5.23 -22.93
N THR A 526 -35.11 4.72 -21.87
CA THR A 526 -33.86 5.33 -21.42
C THR A 526 -32.79 5.25 -22.50
N PHE A 527 -32.68 4.09 -23.15
CA PHE A 527 -31.70 3.93 -24.23
C PHE A 527 -31.97 4.89 -25.38
N MET A 528 -33.24 5.03 -25.77
CA MET A 528 -33.56 5.86 -26.93
C MET A 528 -33.31 7.34 -26.63
N LEU A 529 -33.55 7.77 -25.39
CA LEU A 529 -33.26 9.15 -25.04
C LEU A 529 -31.79 9.46 -25.20
N PHE A 530 -30.92 8.55 -24.77
CA PHE A 530 -29.50 8.69 -25.10
C PHE A 530 -29.26 8.59 -26.60
N TYR A 531 -29.94 7.66 -27.27
CA TYR A 531 -29.68 7.41 -28.69
C TYR A 531 -30.11 8.58 -29.56
N LYS A 532 -31.32 9.10 -29.35
CA LYS A 532 -31.79 10.24 -30.14
C LYS A 532 -30.95 11.49 -29.87
N ALA A 533 -30.62 11.75 -28.60
CA ALA A 533 -29.98 13.01 -28.25
C ALA A 533 -28.52 13.04 -28.71
N PHE A 534 -27.76 12.03 -28.36
CA PHE A 534 -26.32 12.03 -28.56
C PHE A 534 -25.94 11.08 -29.69
N ASP A 535 -24.65 10.95 -29.96
CA ASP A 535 -24.14 10.11 -31.05
C ASP A 535 -23.36 8.95 -30.44
N ILE A 536 -23.97 7.77 -30.40
CA ILE A 536 -23.39 6.59 -29.79
C ILE A 536 -22.85 5.68 -30.88
N GLY A 537 -21.63 5.19 -30.71
CA GLY A 537 -21.01 4.28 -31.64
C GLY A 537 -19.83 4.85 -32.40
N ASN A 538 -19.58 6.16 -32.29
CA ASN A 538 -18.47 6.77 -32.98
C ASN A 538 -17.15 6.34 -32.34
N PRO A 539 -16.25 5.71 -33.10
CA PRO A 539 -14.97 5.30 -32.51
C PRO A 539 -14.13 6.46 -32.01
N ASP A 540 -14.27 7.64 -32.61
CA ASP A 540 -13.55 8.84 -32.19
C ASP A 540 -14.61 9.82 -31.66
N GLY A 541 -14.93 9.69 -30.38
CA GLY A 541 -15.93 10.54 -29.78
C GLY A 541 -16.11 10.18 -28.32
N THR A 542 -17.07 10.86 -27.68
CA THR A 542 -17.34 10.61 -26.28
C THR A 542 -18.14 9.32 -26.10
N TRP A 543 -19.33 9.26 -26.70
CA TRP A 543 -20.20 8.08 -26.61
C TRP A 543 -19.73 7.02 -27.61
N LYS A 544 -18.68 6.32 -27.22
CA LYS A 544 -18.18 5.18 -27.98
C LYS A 544 -18.58 3.90 -27.28
N ALA A 545 -19.21 2.99 -28.01
CA ALA A 545 -19.57 1.70 -27.44
C ALA A 545 -18.64 0.64 -28.04
N PRO A 546 -17.49 0.38 -27.41
CA PRO A 546 -16.53 -0.54 -28.02
C PRO A 546 -17.07 -1.94 -28.22
N TYR A 547 -17.90 -2.42 -27.30
CA TYR A 547 -18.34 -3.82 -27.36
C TYR A 547 -19.42 -4.05 -28.40
N ALA A 548 -20.02 -2.98 -28.93
CA ALA A 548 -20.95 -3.15 -30.04
C ALA A 548 -20.23 -3.67 -31.27
N LEU A 549 -19.04 -3.14 -31.56
CA LEU A 549 -18.26 -3.61 -32.68
C LEU A 549 -17.55 -4.93 -32.36
N ILE A 550 -17.13 -5.11 -31.10
CA ILE A 550 -16.46 -6.34 -30.71
C ILE A 550 -17.41 -7.53 -30.84
N TYR A 551 -18.65 -7.36 -30.39
CA TYR A 551 -19.65 -8.42 -30.56
C TYR A 551 -20.03 -8.60 -32.02
N ARG A 552 -20.06 -7.51 -32.78
CA ARG A 552 -20.35 -7.60 -34.21
C ARG A 552 -19.29 -8.42 -34.93
N ASN A 553 -18.03 -8.22 -34.56
CA ASN A 553 -16.95 -8.96 -35.20
C ASN A 553 -16.94 -10.43 -34.77
N MET A 554 -17.47 -10.72 -33.58
CA MET A 554 -17.61 -12.12 -33.18
C MET A 554 -18.58 -12.85 -34.10
N ALA A 555 -19.71 -12.21 -34.43
CA ALA A 555 -20.68 -12.86 -35.30
C ALA A 555 -20.16 -13.00 -36.73
N ILE A 556 -19.44 -11.99 -37.23
CA ILE A 556 -18.84 -12.09 -38.55
C ILE A 556 -17.84 -13.24 -38.59
N LEU A 557 -17.00 -13.35 -37.56
CA LEU A 557 -16.07 -14.47 -37.46
C LEU A 557 -16.83 -15.78 -37.29
N GLY A 558 -17.99 -15.75 -36.62
CA GLY A 558 -18.75 -16.95 -36.38
C GLY A 558 -19.52 -17.45 -37.58
N VAL A 559 -19.65 -16.64 -38.63
CA VAL A 559 -20.30 -17.12 -39.85
C VAL A 559 -19.55 -18.32 -40.40
N GLU A 560 -18.23 -18.22 -40.49
CA GLU A 560 -17.40 -19.39 -40.70
C GLU A 560 -17.51 -20.30 -39.50
N GLY A 561 -17.62 -21.61 -39.76
CA GLY A 561 -17.96 -22.55 -38.72
C GLY A 561 -16.86 -22.84 -37.72
N PHE A 562 -16.86 -24.06 -37.18
CA PHE A 562 -15.86 -24.44 -36.19
C PHE A 562 -14.47 -24.62 -36.80
N SER A 563 -14.31 -24.34 -38.09
CA SER A 563 -13.00 -24.46 -38.72
C SER A 563 -12.05 -23.35 -38.29
N VAL A 564 -12.59 -22.19 -37.93
CA VAL A 564 -11.74 -21.05 -37.60
C VAL A 564 -11.13 -21.21 -36.21
N LEU A 565 -11.65 -22.13 -35.40
CA LEU A 565 -11.08 -22.35 -34.08
C LEU A 565 -9.65 -22.86 -34.21
N PRO A 566 -8.77 -22.54 -33.27
CA PRO A 566 -7.36 -22.93 -33.41
C PRO A 566 -7.21 -24.44 -33.40
N LYS A 567 -6.02 -24.89 -33.81
CA LYS A 567 -5.77 -26.31 -33.95
C LYS A 567 -5.81 -26.99 -32.59
N TYR A 568 -6.48 -28.14 -32.54
CA TYR A 568 -6.70 -28.96 -31.35
C TYR A 568 -7.58 -28.28 -30.31
N CYS A 569 -8.32 -27.23 -30.67
CA CYS A 569 -9.18 -26.57 -29.70
C CYS A 569 -10.33 -27.48 -29.28
N ILE A 570 -10.93 -28.18 -30.23
CA ILE A 570 -12.04 -29.07 -29.90
C ILE A 570 -11.56 -30.28 -29.13
N VAL A 571 -10.38 -30.81 -29.49
CA VAL A 571 -9.87 -32.01 -28.85
C VAL A 571 -9.58 -31.75 -27.38
N ILE A 572 -8.90 -30.65 -27.08
CA ILE A 572 -8.57 -30.33 -25.70
C ILE A 572 -9.83 -29.98 -24.92
N SER A 573 -10.76 -29.26 -25.55
CA SER A 573 -12.02 -28.94 -24.89
C SER A 573 -12.82 -30.19 -24.57
N GLY A 574 -12.86 -31.15 -25.50
CA GLY A 574 -13.50 -32.41 -25.22
C GLY A 574 -12.82 -33.19 -24.11
N GLY A 575 -11.49 -33.11 -24.05
CA GLY A 575 -10.77 -33.76 -22.96
C GLY A 575 -11.10 -33.16 -21.61
N PHE A 576 -11.18 -31.84 -21.53
CA PHE A 576 -11.52 -31.19 -20.26
C PHE A 576 -13.01 -31.33 -19.94
N PHE A 577 -13.85 -31.56 -20.95
CA PHE A 577 -15.23 -31.92 -20.69
C PHE A 577 -15.31 -33.25 -19.95
N ALA A 578 -14.55 -34.24 -20.40
CA ALA A 578 -14.52 -35.53 -19.72
C ALA A 578 -13.84 -35.43 -18.37
N PHE A 579 -12.75 -34.66 -18.29
CA PHE A 579 -12.03 -34.52 -17.03
C PHE A 579 -12.90 -33.87 -15.96
N ALA A 580 -13.71 -32.88 -16.35
CA ALA A 580 -14.66 -32.28 -15.42
C ALA A 580 -15.71 -33.29 -14.98
N ALA A 581 -16.16 -34.13 -15.91
CA ALA A 581 -17.19 -35.12 -15.59
C ALA A 581 -16.64 -36.19 -14.66
N ILE A 582 -15.38 -36.58 -14.83
CA ILE A 582 -14.78 -37.59 -13.96
C ILE A 582 -14.70 -37.10 -12.53
N LEU A 583 -14.28 -35.85 -12.34
CA LEU A 583 -14.19 -35.30 -10.98
C LEU A 583 -15.56 -35.24 -10.32
N SER A 584 -16.60 -34.91 -11.09
CA SER A 584 -17.95 -34.88 -10.54
C SER A 584 -18.39 -36.26 -10.09
N ILE A 585 -18.08 -37.30 -10.88
CA ILE A 585 -18.39 -38.67 -10.48
C ILE A 585 -17.52 -39.08 -9.30
N THR A 586 -16.24 -38.72 -9.35
CA THR A 586 -15.26 -39.11 -8.34
C THR A 586 -15.64 -38.57 -6.97
N ARG A 587 -16.38 -37.47 -6.93
CA ARG A 587 -16.77 -36.84 -5.67
C ARG A 587 -18.06 -37.42 -5.09
N ASP A 588 -18.97 -37.92 -5.91
CA ASP A 588 -20.22 -38.49 -5.42
C ASP A 588 -20.14 -39.99 -5.16
N VAL A 589 -19.11 -40.67 -5.68
CA VAL A 589 -19.01 -42.11 -5.48
C VAL A 589 -18.02 -42.48 -4.38
N MET A 590 -17.02 -41.65 -4.10
CA MET A 590 -16.09 -41.94 -3.03
C MET A 590 -16.69 -41.56 -1.68
N PRO A 591 -16.23 -42.19 -0.59
CA PRO A 591 -16.74 -41.85 0.74
C PRO A 591 -16.44 -40.39 1.09
N HIS A 592 -17.31 -39.83 1.96
CA HIS A 592 -17.17 -38.44 2.34
C HIS A 592 -15.83 -38.15 3.00
N LYS A 593 -15.18 -39.17 3.56
CA LYS A 593 -13.89 -38.97 4.21
C LYS A 593 -12.76 -38.81 3.19
N TYR A 594 -13.00 -39.18 1.94
CA TYR A 594 -12.14 -38.77 0.82
C TYR A 594 -12.82 -37.82 -0.16
N ALA A 595 -14.16 -37.69 -0.12
CA ALA A 595 -14.84 -36.87 -1.10
C ALA A 595 -14.60 -35.38 -0.89
N LYS A 596 -14.10 -34.98 0.29
CA LYS A 596 -13.95 -33.56 0.58
C LYS A 596 -12.64 -32.98 0.05
N TYR A 597 -11.75 -33.82 -0.49
CA TYR A 597 -10.50 -33.35 -1.08
C TYR A 597 -10.58 -33.21 -2.60
N VAL A 598 -11.68 -33.62 -3.22
CA VAL A 598 -11.80 -33.59 -4.67
C VAL A 598 -12.10 -32.16 -5.12
N PRO A 599 -11.30 -31.59 -6.00
CA PRO A 599 -11.57 -30.21 -6.47
C PRO A 599 -12.86 -30.14 -7.27
N LEU A 600 -13.46 -28.94 -7.24
CA LEU A 600 -14.71 -28.70 -7.95
C LEU A 600 -14.40 -28.23 -9.37
N PRO A 601 -14.83 -28.96 -10.40
CA PRO A 601 -14.37 -28.64 -11.77
C PRO A 601 -14.74 -27.25 -12.26
N MET A 602 -15.88 -26.70 -11.83
CA MET A 602 -16.31 -25.44 -12.41
C MET A 602 -15.99 -24.24 -11.52
N ALA A 603 -15.53 -24.48 -10.29
CA ALA A 603 -14.78 -23.44 -9.59
C ALA A 603 -13.39 -23.30 -10.19
N MET A 604 -12.84 -24.40 -10.71
CA MET A 604 -11.57 -24.38 -11.42
C MET A 604 -11.67 -23.59 -12.72
N ALA A 605 -12.84 -23.60 -13.37
CA ALA A 605 -13.00 -23.03 -14.69
C ALA A 605 -13.01 -21.50 -14.70
N VAL A 606 -13.42 -20.87 -13.59
CA VAL A 606 -13.50 -19.41 -13.57
C VAL A 606 -12.15 -18.75 -13.85
N PRO A 607 -11.04 -19.17 -13.21
CA PRO A 607 -9.74 -18.55 -13.53
C PRO A 607 -9.23 -18.83 -14.93
N PHE A 608 -9.99 -19.52 -15.78
CA PHE A 608 -9.54 -19.71 -17.16
C PHE A 608 -9.73 -18.46 -17.99
N LEU A 609 -10.74 -17.65 -17.66
CA LEU A 609 -11.01 -16.40 -18.37
C LEU A 609 -10.50 -15.19 -17.59
N VAL A 610 -10.83 -15.10 -16.31
CA VAL A 610 -10.24 -14.10 -15.43
C VAL A 610 -8.90 -14.66 -14.97
N GLY A 611 -7.99 -13.79 -14.57
CA GLY A 611 -6.66 -14.25 -14.21
C GLY A 611 -6.60 -15.01 -12.89
N GLY A 612 -5.39 -15.29 -12.44
CA GLY A 612 -5.19 -15.90 -11.14
C GLY A 612 -5.16 -14.94 -9.98
N SER A 613 -5.26 -13.64 -10.24
CA SER A 613 -5.35 -12.67 -9.15
C SER A 613 -6.64 -12.86 -8.36
N PHE A 614 -7.73 -13.16 -9.05
CA PHE A 614 -8.98 -13.48 -8.37
C PHE A 614 -8.83 -14.73 -7.51
N ALA A 615 -8.13 -15.74 -8.01
CA ALA A 615 -7.89 -16.95 -7.23
C ALA A 615 -7.03 -16.67 -6.00
N ILE A 616 -6.03 -15.80 -6.14
CA ILE A 616 -5.15 -15.49 -5.02
C ILE A 616 -5.89 -14.73 -3.94
N ASP A 617 -6.77 -13.80 -4.34
CA ASP A 617 -7.60 -13.09 -3.36
C ASP A 617 -8.53 -14.05 -2.64
N MET A 618 -9.11 -15.00 -3.36
CA MET A 618 -9.97 -16.01 -2.73
C MET A 618 -9.20 -16.83 -1.71
N CYS A 619 -7.98 -17.23 -2.06
CA CYS A 619 -7.20 -18.07 -1.16
C CYS A 619 -6.68 -17.29 0.05
N LEU A 620 -6.41 -16.00 -0.12
CA LEU A 620 -6.02 -15.19 1.02
C LEU A 620 -7.16 -15.09 2.03
N GLY A 621 -8.40 -14.96 1.56
CA GLY A 621 -9.53 -14.95 2.46
C GLY A 621 -9.69 -16.24 3.22
N SER A 622 -9.48 -17.38 2.55
CA SER A 622 -9.53 -18.66 3.24
C SER A 622 -8.37 -18.81 4.21
N LEU A 623 -7.22 -18.23 3.87
CA LEU A 623 -6.08 -18.24 4.80
C LEU A 623 -6.40 -17.44 6.05
N ILE A 624 -7.10 -16.31 5.89
CA ILE A 624 -7.50 -15.50 7.05
C ILE A 624 -8.44 -16.28 7.94
N VAL A 625 -9.41 -16.98 7.35
CA VAL A 625 -10.38 -17.73 8.15
C VAL A 625 -9.72 -18.93 8.82
N PHE A 626 -8.79 -19.59 8.12
CA PHE A 626 -8.08 -20.72 8.72
C PHE A 626 -7.29 -20.28 9.95
N ALA A 627 -6.56 -19.18 9.83
CA ALA A 627 -5.80 -18.67 10.97
C ALA A 627 -6.73 -18.20 12.09
N TRP A 628 -7.81 -17.50 11.73
CA TRP A 628 -8.74 -17.00 12.73
C TRP A 628 -9.41 -18.14 13.49
N THR A 629 -9.78 -19.21 12.77
CA THR A 629 -10.40 -20.36 13.43
C THR A 629 -9.45 -21.03 14.41
N LYS A 630 -8.16 -21.14 14.02
CA LYS A 630 -7.18 -21.75 14.90
C LYS A 630 -6.96 -20.90 16.15
N ILE A 631 -6.82 -19.58 15.99
CA ILE A 631 -6.55 -18.72 17.12
C ILE A 631 -7.73 -18.67 18.08
N ASN A 632 -8.94 -18.47 17.55
CA ASN A 632 -10.13 -18.36 18.39
C ASN A 632 -11.29 -19.04 17.68
N LYS A 633 -11.61 -20.26 18.10
CA LYS A 633 -12.68 -21.03 17.47
C LYS A 633 -14.04 -20.37 17.66
N LYS A 634 -14.31 -19.88 18.88
CA LYS A 634 -15.65 -19.39 19.19
C LYS A 634 -15.98 -18.10 18.44
N GLU A 635 -15.07 -17.13 18.48
CA GLU A 635 -15.35 -15.83 17.89
C GLU A 635 -15.44 -15.90 16.37
N ALA A 636 -14.55 -16.69 15.75
CA ALA A 636 -14.56 -16.81 14.30
C ALA A 636 -15.85 -17.43 13.79
N GLY A 637 -16.57 -18.14 14.66
CA GLY A 637 -17.81 -18.78 14.23
C GLY A 637 -18.87 -17.78 13.81
N PHE A 638 -19.04 -16.70 14.56
CA PHE A 638 -20.10 -15.74 14.29
C PHE A 638 -19.58 -14.39 13.78
N MET A 639 -18.27 -14.16 13.80
CA MET A 639 -17.74 -12.87 13.37
C MET A 639 -17.21 -12.88 11.95
N VAL A 640 -16.86 -14.05 11.41
CA VAL A 640 -16.34 -14.15 10.05
C VAL A 640 -17.38 -13.66 9.03
N PRO A 641 -18.65 -14.09 9.09
CA PRO A 641 -19.62 -13.58 8.10
C PRO A 641 -19.80 -12.07 8.15
N ALA A 642 -19.74 -11.47 9.35
CA ALA A 642 -19.92 -10.03 9.44
C ALA A 642 -18.73 -9.26 8.90
N VAL A 643 -17.51 -9.73 9.21
CA VAL A 643 -16.32 -9.08 8.69
C VAL A 643 -16.23 -9.25 7.18
N ALA A 644 -16.52 -10.45 6.69
CA ALA A 644 -16.48 -10.70 5.25
C ALA A 644 -17.50 -9.84 4.51
N SER A 645 -18.71 -9.73 5.06
CA SER A 645 -19.74 -8.93 4.42
C SER A 645 -19.37 -7.44 4.39
N ALA A 646 -18.76 -6.95 5.48
CA ALA A 646 -18.36 -5.55 5.53
C ALA A 646 -17.29 -5.24 4.48
N LEU A 647 -16.37 -6.18 4.24
CA LEU A 647 -15.39 -6.00 3.18
C LEU A 647 -16.05 -5.96 1.81
N ILE A 648 -17.05 -6.84 1.59
CA ILE A 648 -17.76 -6.85 0.32
C ILE A 648 -18.61 -5.60 0.17
N CYS A 649 -19.33 -5.22 1.23
CA CYS A 649 -20.22 -4.07 1.14
C CYS A 649 -19.46 -2.76 1.02
N GLY A 650 -18.35 -2.62 1.75
CA GLY A 650 -17.57 -1.40 1.68
C GLY A 650 -17.03 -1.13 0.29
N ASP A 651 -16.50 -2.17 -0.36
CA ASP A 651 -16.10 -2.05 -1.76
C ASP A 651 -17.31 -1.89 -2.67
N GLY A 652 -18.41 -2.57 -2.33
CA GLY A 652 -19.61 -2.47 -3.14
C GLY A 652 -20.27 -1.11 -3.07
N ILE A 653 -20.28 -0.49 -1.88
CA ILE A 653 -20.92 0.82 -1.74
C ILE A 653 -20.14 1.88 -2.48
N TRP A 654 -18.81 1.82 -2.46
CA TRP A 654 -18.00 2.80 -3.16
C TRP A 654 -18.24 2.79 -4.67
N THR A 655 -18.76 1.69 -5.20
CA THR A 655 -19.06 1.62 -6.64
C THR A 655 -20.08 2.67 -7.06
N PHE A 656 -20.96 3.10 -6.16
CA PHE A 656 -21.94 4.13 -6.53
C PHE A 656 -21.29 5.50 -6.68
N PRO A 657 -20.57 6.03 -5.69
CA PRO A 657 -19.86 7.31 -5.93
C PRO A 657 -18.84 7.22 -7.05
N ALA A 658 -18.19 6.07 -7.23
CA ALA A 658 -17.22 5.92 -8.31
C ALA A 658 -17.90 6.01 -9.67
N SER A 659 -19.12 5.47 -9.78
CA SER A 659 -19.84 5.54 -11.04
C SER A 659 -20.31 6.96 -11.35
N ILE A 660 -20.74 7.70 -10.32
CA ILE A 660 -21.14 9.08 -10.51
C ILE A 660 -19.94 9.92 -10.97
N LEU A 661 -18.76 9.63 -10.42
CA LEU A 661 -17.56 10.33 -10.87
C LEU A 661 -17.28 10.07 -12.34
N ALA A 662 -17.39 8.81 -12.77
CA ALA A 662 -17.25 8.50 -14.19
C ALA A 662 -18.43 9.04 -14.98
N LEU A 663 -19.59 9.18 -14.34
CA LEU A 663 -20.74 9.75 -15.00
C LEU A 663 -20.48 11.21 -15.39
N ALA A 664 -19.81 11.96 -14.50
CA ALA A 664 -19.46 13.35 -14.73
C ALA A 664 -18.10 13.53 -15.38
N LYS A 665 -17.43 12.44 -15.75
CA LYS A 665 -16.13 12.47 -16.41
C LYS A 665 -15.06 13.11 -15.53
N ILE A 666 -15.02 12.72 -14.26
CA ILE A 666 -13.97 13.13 -13.33
C ILE A 666 -13.01 11.96 -13.23
N LYS A 667 -11.86 12.08 -13.89
CA LYS A 667 -10.90 10.98 -13.95
C LYS A 667 -9.95 11.04 -12.75
N PRO A 668 -9.38 9.89 -12.36
CA PRO A 668 -8.38 9.88 -11.30
C PRO A 668 -7.16 10.71 -11.67
N PRO A 669 -6.57 11.41 -10.70
CA PRO A 669 -5.49 12.36 -11.02
C PRO A 669 -4.13 11.70 -11.26
N ILE A 670 -3.88 10.57 -10.61
CA ILE A 670 -2.56 9.98 -10.55
C ILE A 670 -2.61 8.56 -11.09
N CYS A 671 -1.50 8.10 -11.67
CA CYS A 671 -1.35 6.73 -12.13
C CYS A 671 -0.16 6.09 -11.42
N MET A 672 -0.43 5.00 -10.71
CA MET A 672 0.62 4.26 -9.99
C MET A 672 1.16 3.17 -10.91
N LYS A 673 2.25 3.50 -11.61
CA LYS A 673 2.84 2.62 -12.60
C LYS A 673 4.02 1.85 -12.01
N PHE A 674 4.16 0.60 -12.45
CA PHE A 674 5.23 -0.28 -11.98
C PHE A 674 6.14 -0.59 -13.16
N LEU A 675 7.43 -0.29 -13.01
CA LEU A 675 8.39 -0.46 -14.09
C LEU A 675 9.54 -1.35 -13.64
N PRO A 676 10.23 -2.02 -14.59
CA PRO A 676 11.33 -2.93 -14.24
C PRO A 676 12.65 -2.23 -13.94
N ALA A 677 12.59 -1.21 -13.07
CA ALA A 677 13.78 -0.47 -12.63
C ALA A 677 14.57 0.07 -13.82
N ALA A 678 13.86 0.59 -14.81
CA ALA A 678 14.49 1.13 -16.01
C ALA A 678 15.34 2.36 -15.69
N TRP B 45 31.06 -2.45 37.89
CA TRP B 45 32.50 -2.68 38.00
C TRP B 45 32.88 -3.99 37.32
N GLN B 46 32.13 -5.04 37.63
CA GLN B 46 32.31 -6.34 37.00
C GLN B 46 30.95 -6.83 36.52
N ASP B 47 30.96 -7.93 35.76
CA ASP B 47 29.77 -8.52 35.15
C ASP B 47 29.20 -7.60 34.07
N GLU B 48 29.82 -6.44 33.89
CA GLU B 48 29.45 -5.54 32.79
C GLU B 48 30.61 -5.39 31.82
N LEU B 49 31.81 -5.16 32.34
CA LEU B 49 33.02 -5.11 31.54
C LEU B 49 33.67 -6.49 31.53
N THR B 50 33.61 -7.17 30.38
CA THR B 50 34.11 -8.52 30.26
C THR B 50 35.06 -8.61 29.08
N VAL B 51 35.73 -9.75 28.97
CA VAL B 51 36.64 -9.99 27.85
C VAL B 51 35.90 -10.50 26.61
N ARG B 52 34.88 -11.34 26.78
CA ARG B 52 34.06 -11.73 25.64
C ARG B 52 33.33 -10.54 25.04
N GLY B 53 32.89 -9.60 25.88
CA GLY B 53 32.29 -8.39 25.36
C GLY B 53 33.27 -7.54 24.57
N LEU B 54 34.51 -7.46 25.06
CA LEU B 54 35.55 -6.77 24.32
C LEU B 54 35.80 -7.42 22.97
N VAL B 55 35.84 -8.75 22.94
CA VAL B 55 36.02 -9.46 21.68
C VAL B 55 34.80 -9.25 20.77
N ALA B 56 33.60 -9.41 21.34
CA ALA B 56 32.39 -9.28 20.53
C ALA B 56 32.25 -7.88 19.95
N ALA B 57 32.57 -6.85 20.75
CA ALA B 57 32.48 -5.48 20.26
C ALA B 57 33.50 -5.23 19.16
N LEU B 58 34.69 -5.82 19.27
CA LEU B 58 35.72 -5.63 18.26
C LEU B 58 35.29 -6.20 16.91
N LEU B 59 34.69 -7.39 16.89
CA LEU B 59 34.17 -7.92 15.65
C LEU B 59 33.00 -7.11 15.13
N ILE B 60 31.99 -6.85 15.96
CA ILE B 60 30.83 -6.09 15.50
C ILE B 60 31.25 -4.72 15.01
N GLY B 61 32.21 -4.09 15.68
CA GLY B 61 32.75 -2.84 15.18
C GLY B 61 33.45 -2.98 13.85
N PHE B 62 34.12 -4.12 13.63
CA PHE B 62 34.92 -4.28 12.41
C PHE B 62 34.05 -4.48 11.18
N ILE B 63 33.06 -5.37 11.25
CA ILE B 63 32.16 -5.56 10.10
C ILE B 63 31.35 -4.30 9.84
N TYR B 64 30.81 -3.68 10.89
CA TYR B 64 30.01 -2.48 10.70
C TYR B 64 30.85 -1.34 10.13
N THR B 65 32.14 -1.30 10.46
CA THR B 65 33.04 -0.35 9.81
C THR B 65 33.15 -0.63 8.32
N VAL B 66 33.27 -1.91 7.96
CA VAL B 66 33.37 -2.29 6.55
C VAL B 66 32.09 -1.96 5.82
N ILE B 67 30.94 -2.24 6.44
CA ILE B 67 29.66 -1.93 5.81
C ILE B 67 29.49 -0.43 5.63
N VAL B 68 29.84 0.34 6.66
CA VAL B 68 29.70 1.79 6.58
C VAL B 68 30.70 2.36 5.58
N MET B 69 31.95 1.91 5.63
CA MET B 69 32.98 2.46 4.75
C MET B 69 32.68 2.18 3.29
N LYS B 70 32.23 0.95 2.98
CA LYS B 70 31.90 0.64 1.59
C LYS B 70 30.71 1.45 1.09
N ILE B 71 29.69 1.62 1.93
CA ILE B 71 28.53 2.41 1.52
C ILE B 71 28.91 3.89 1.40
N ALA B 72 29.75 4.40 2.31
CA ALA B 72 30.13 5.80 2.27
C ALA B 72 30.90 6.13 0.99
N LEU B 73 31.78 5.23 0.56
CA LEU B 73 32.63 5.47 -0.60
C LEU B 73 31.97 5.12 -1.93
N THR B 74 30.72 4.67 -1.92
CA THR B 74 30.04 4.36 -3.18
C THR B 74 28.84 5.27 -3.39
N THR B 75 28.06 5.53 -2.35
CA THR B 75 26.90 6.38 -2.47
C THR B 75 26.84 7.51 -1.45
N GLY B 76 27.54 7.39 -0.33
CA GLY B 76 27.50 8.40 0.71
C GLY B 76 26.26 8.41 1.55
N LEU B 77 25.34 7.47 1.33
CA LEU B 77 24.08 7.41 2.08
C LEU B 77 24.23 6.38 3.18
N VAL B 78 24.93 6.76 4.24
CA VAL B 78 25.21 5.87 5.35
C VAL B 78 23.94 5.72 6.19
N PRO B 79 23.45 4.50 6.40
CA PRO B 79 22.23 4.30 7.18
C PRO B 79 22.52 4.13 8.67
N THR B 80 21.44 4.20 9.45
CA THR B 80 21.53 3.99 10.89
C THR B 80 21.55 2.50 11.19
N LEU B 81 22.55 2.07 11.96
CA LEU B 81 22.73 0.65 12.26
C LEU B 81 22.85 0.40 13.75
N ASN B 82 22.44 1.34 14.59
CA ASN B 82 22.55 1.17 16.03
C ASN B 82 21.61 0.07 16.53
N VAL B 83 20.39 0.02 16.00
CA VAL B 83 19.44 -1.01 16.42
C VAL B 83 19.94 -2.39 16.05
N SER B 84 20.50 -2.54 14.84
CA SER B 84 21.02 -3.83 14.41
C SER B 84 22.15 -4.31 15.31
N ALA B 85 23.03 -3.39 15.74
CA ALA B 85 24.15 -3.77 16.57
C ALA B 85 23.70 -4.39 17.89
N ALA B 86 22.56 -3.93 18.42
CA ALA B 86 22.04 -4.50 19.66
C ALA B 86 21.64 -5.96 19.46
N LEU B 87 21.04 -6.27 18.30
CA LEU B 87 20.63 -7.65 18.04
C LEU B 87 21.82 -8.56 17.81
N LEU B 88 22.78 -8.14 16.99
CA LEU B 88 23.97 -8.96 16.76
C LEU B 88 24.81 -9.10 18.02
N SER B 89 24.79 -8.08 18.88
CA SER B 89 25.47 -8.21 20.18
C SER B 89 24.83 -9.32 21.00
N PHE B 90 23.51 -9.43 20.96
CA PHE B 90 22.81 -10.48 21.69
C PHE B 90 23.10 -11.86 21.11
N LEU B 91 22.98 -11.99 19.79
CA LEU B 91 23.13 -13.30 19.17
C LEU B 91 24.56 -13.83 19.30
N ALA B 92 25.56 -12.97 19.12
CA ALA B 92 26.95 -13.40 19.17
C ALA B 92 27.33 -13.93 20.54
N LEU B 93 26.95 -13.21 21.60
CA LEU B 93 27.31 -13.64 22.95
C LEU B 93 26.43 -14.80 23.42
N ARG B 94 25.14 -14.77 23.09
CA ARG B 94 24.28 -15.90 23.43
C ARG B 94 24.73 -17.17 22.72
N GLY B 95 25.11 -17.05 21.44
CA GLY B 95 25.65 -18.19 20.74
C GLY B 95 26.92 -18.70 21.37
N TRP B 96 27.79 -17.79 21.81
CA TRP B 96 29.03 -18.20 22.45
C TRP B 96 28.78 -18.92 23.76
N THR B 97 27.86 -18.40 24.58
CA THR B 97 27.57 -19.05 25.86
C THR B 97 26.96 -20.43 25.67
N ARG B 98 26.04 -20.55 24.70
CA ARG B 98 25.39 -21.84 24.47
C ARG B 98 26.34 -22.83 23.82
N LEU B 99 27.20 -22.37 22.91
CA LEU B 99 28.16 -23.26 22.28
C LEU B 99 29.16 -23.82 23.29
N LEU B 100 29.64 -22.99 24.21
CA LEU B 100 30.54 -23.48 25.25
C LEU B 100 29.81 -24.42 26.20
N GLU B 101 28.53 -24.18 26.44
CA GLU B 101 27.74 -25.11 27.23
C GLU B 101 27.59 -26.45 26.51
N ARG B 102 27.50 -26.41 25.18
CA ARG B 102 27.45 -27.65 24.41
C ARG B 102 28.74 -28.45 24.53
N PHE B 103 29.88 -27.76 24.56
CA PHE B 103 31.18 -28.39 24.70
C PHE B 103 31.56 -28.65 26.16
N GLY B 104 30.68 -28.32 27.10
CA GLY B 104 30.95 -28.55 28.51
C GLY B 104 31.58 -27.39 29.25
N VAL B 105 31.99 -26.34 28.55
CA VAL B 105 32.58 -25.19 29.23
C VAL B 105 31.49 -24.36 29.89
N VAL B 106 31.74 -23.94 31.12
CA VAL B 106 30.80 -23.12 31.89
C VAL B 106 31.26 -21.68 31.83
N SER B 107 30.30 -20.77 31.70
CA SER B 107 30.58 -19.35 31.55
C SER B 107 29.65 -18.53 32.43
N ARG B 108 30.03 -17.28 32.65
CA ARG B 108 29.21 -16.38 33.45
C ARG B 108 27.90 -16.08 32.72
N PRO B 109 26.82 -15.80 33.47
CA PRO B 109 25.56 -15.42 32.82
C PRO B 109 25.72 -14.14 32.01
N PHE B 110 25.04 -14.11 30.86
CA PHE B 110 25.09 -12.96 29.97
C PHE B 110 23.85 -12.11 30.22
N THR B 111 24.05 -10.96 30.87
CA THR B 111 22.97 -10.12 31.35
C THR B 111 22.73 -8.95 30.41
N ARG B 112 21.72 -8.14 30.76
CA ARG B 112 21.36 -7.00 29.91
C ARG B 112 22.34 -5.85 30.05
N GLN B 113 22.95 -5.69 31.23
CA GLN B 113 23.96 -4.64 31.38
C GLN B 113 25.16 -4.91 30.49
N GLU B 114 25.58 -6.17 30.40
CA GLU B 114 26.69 -6.51 29.51
C GLU B 114 26.31 -6.31 28.05
N ASN B 115 25.05 -6.62 27.70
CA ASN B 115 24.59 -6.39 26.32
C ASN B 115 24.60 -4.92 25.97
N THR B 116 24.25 -4.06 26.94
CA THR B 116 24.33 -2.62 26.73
C THR B 116 25.78 -2.17 26.51
N ILE B 117 26.71 -2.74 27.29
CA ILE B 117 28.12 -2.36 27.15
C ILE B 117 28.66 -2.77 25.78
N VAL B 118 28.35 -3.98 25.33
CA VAL B 118 28.85 -4.47 24.05
C VAL B 118 28.29 -3.63 22.91
N GLN B 119 26.99 -3.33 22.96
CA GLN B 119 26.37 -2.52 21.92
C GLN B 119 26.97 -1.12 21.87
N THR B 120 27.18 -0.50 23.04
CA THR B 120 27.74 0.84 23.07
C THR B 120 29.19 0.86 22.60
N CYS B 121 29.99 -0.13 23.01
CA CYS B 121 31.37 -0.21 22.54
C CYS B 121 31.44 -0.40 21.04
N GLY B 122 30.56 -1.26 20.50
CA GLY B 122 30.54 -1.49 19.06
C GLY B 122 30.10 -0.28 18.29
N VAL B 123 29.10 0.46 18.80
CA VAL B 123 28.60 1.64 18.10
C VAL B 123 29.67 2.70 18.01
N ALA B 124 30.40 2.93 19.11
CA ALA B 124 31.47 3.93 19.10
C ALA B 124 32.58 3.60 18.11
N CYS B 125 32.81 2.32 17.82
CA CYS B 125 33.88 1.95 16.91
C CYS B 125 33.55 2.34 15.47
N TYR B 126 32.35 1.99 15.00
CA TYR B 126 32.01 2.26 13.60
C TYR B 126 31.38 3.62 13.38
N THR B 127 31.04 4.35 14.44
CA THR B 127 30.55 5.71 14.26
C THR B 127 31.64 6.61 13.69
N ILE B 128 32.89 6.39 14.12
CA ILE B 128 34.02 7.16 13.63
C ILE B 128 34.20 6.96 12.12
N ALA B 129 33.71 5.84 11.58
CA ALA B 129 33.84 5.58 10.15
C ALA B 129 33.09 6.63 9.32
N PHE B 130 31.89 7.02 9.75
CA PHE B 130 31.13 8.03 9.05
C PHE B 130 31.12 9.39 9.74
N ALA B 131 31.32 9.45 11.05
CA ALA B 131 31.47 10.71 11.74
C ALA B 131 32.81 11.38 11.48
N GLY B 132 33.83 10.61 11.12
CA GLY B 132 35.15 11.14 10.84
C GLY B 132 35.31 11.78 9.48
N GLY B 133 34.26 11.78 8.66
CA GLY B 133 34.32 12.37 7.35
C GLY B 133 35.25 11.64 6.41
N PHE B 134 35.26 10.31 6.50
CA PHE B 134 36.11 9.49 5.65
C PHE B 134 35.68 9.51 4.20
N GLY B 135 34.39 9.63 3.93
CA GLY B 135 33.87 9.78 2.59
C GLY B 135 33.42 11.16 2.21
N SER B 136 33.45 12.12 3.15
CA SER B 136 32.98 13.46 2.85
C SER B 136 34.08 14.51 2.93
N THR B 137 34.76 14.62 4.08
CA THR B 137 35.69 15.72 4.28
C THR B 137 37.14 15.28 4.11
N LEU B 138 37.54 14.21 4.81
CA LEU B 138 38.91 13.74 4.71
C LEU B 138 39.22 13.26 3.29
N LEU B 139 38.22 12.70 2.60
CA LEU B 139 38.42 12.29 1.21
C LEU B 139 38.39 13.49 0.27
N GLY B 140 37.83 14.61 0.73
CA GLY B 140 37.84 15.81 -0.10
C GLY B 140 39.20 16.49 -0.14
N LEU B 141 40.13 16.03 0.70
CA LEU B 141 41.48 16.59 0.72
C LEU B 141 42.36 15.97 -0.34
N ASN B 142 41.84 15.03 -1.12
CA ASN B 142 42.64 14.32 -2.11
C ASN B 142 43.11 15.26 -3.21
N LYS B 143 44.22 14.90 -3.85
CA LYS B 143 44.59 15.53 -5.10
C LYS B 143 43.56 15.20 -6.19
N LYS B 144 42.99 13.98 -6.13
CA LYS B 144 41.97 13.60 -7.10
C LYS B 144 40.74 14.48 -6.98
N THR B 145 40.25 14.71 -5.76
CA THR B 145 39.10 15.59 -5.57
C THR B 145 39.47 17.03 -5.87
N TYR B 146 40.71 17.42 -5.58
CA TYR B 146 41.18 18.75 -5.93
C TYR B 146 41.14 18.98 -7.44
N GLU B 147 41.53 17.95 -8.21
CA GLU B 147 41.51 18.09 -9.67
C GLU B 147 40.09 18.12 -10.21
N LEU B 148 39.17 17.36 -9.60
CA LEU B 148 37.79 17.33 -10.07
C LEU B 148 37.10 18.69 -9.92
N ALA B 149 37.40 19.44 -8.87
CA ALA B 149 36.76 20.74 -8.67
C ALA B 149 37.15 21.73 -9.76
N GLY B 150 38.37 21.62 -10.28
CA GLY B 150 38.83 22.50 -11.34
C GLY B 150 39.56 23.72 -10.81
N ASP B 151 39.89 24.60 -11.75
CA ASP B 151 40.63 25.82 -11.45
C ASP B 151 39.65 26.93 -11.11
N SER B 152 39.74 27.45 -9.88
CA SER B 152 38.90 28.54 -9.42
C SER B 152 39.60 29.23 -8.27
N PRO B 153 39.28 30.50 -8.00
CA PRO B 153 39.84 31.16 -6.80
C PRO B 153 39.42 30.43 -5.54
N GLY B 154 40.37 30.28 -4.61
CA GLY B 154 40.12 29.51 -3.42
C GLY B 154 40.73 28.12 -3.53
N ASN B 155 40.60 27.52 -4.71
CA ASN B 155 41.18 26.22 -5.00
C ASN B 155 42.62 26.39 -5.50
N VAL B 156 43.47 26.86 -4.59
CA VAL B 156 44.87 27.11 -4.90
C VAL B 156 45.56 25.75 -5.07
N PRO B 157 46.69 25.68 -5.77
CA PRO B 157 47.30 24.36 -6.03
C PRO B 157 47.73 23.61 -4.79
N GLY B 158 47.94 24.30 -3.67
CA GLY B 158 48.36 23.64 -2.45
C GLY B 158 47.21 23.30 -1.52
N SER B 159 46.08 22.88 -2.07
CA SER B 159 44.89 22.56 -1.30
C SER B 159 44.57 21.07 -1.29
N TRP B 160 45.59 20.21 -1.31
CA TRP B 160 45.37 18.76 -1.32
C TRP B 160 46.30 18.09 -0.33
N LYS B 161 45.81 16.99 0.25
CA LYS B 161 46.54 16.19 1.23
C LYS B 161 46.26 14.73 0.95
N GLU B 162 47.30 13.89 1.06
CA GLU B 162 47.00 12.51 0.70
C GLU B 162 46.73 11.68 1.95
N PRO B 163 45.85 10.68 1.83
CA PRO B 163 45.54 9.83 2.99
C PRO B 163 46.74 8.98 3.40
N GLY B 164 46.80 8.69 4.70
CA GLY B 164 47.84 7.82 5.23
C GLY B 164 47.45 7.32 6.59
N ILE B 165 47.92 6.12 6.92
CA ILE B 165 47.58 5.52 8.20
C ILE B 165 48.12 6.37 9.35
N GLY B 166 49.32 6.94 9.17
CA GLY B 166 49.96 7.70 10.22
C GLY B 166 49.24 8.95 10.66
N TRP B 167 48.86 9.81 9.72
CA TRP B 167 48.25 11.08 10.11
C TRP B 167 46.75 10.95 10.36
N MET B 168 46.08 10.04 9.64
CA MET B 168 44.64 9.88 9.83
C MET B 168 44.33 9.27 11.19
N THR B 169 45.15 8.32 11.64
CA THR B 169 44.98 7.78 12.98
C THR B 169 45.31 8.82 14.04
N GLY B 170 46.43 9.53 13.87
CA GLY B 170 46.79 10.57 14.82
C GLY B 170 45.80 11.72 14.84
N PHE B 171 45.22 12.03 13.68
CA PHE B 171 44.18 13.05 13.62
C PHE B 171 42.98 12.64 14.46
N LEU B 172 42.57 11.37 14.38
CA LEU B 172 41.38 10.91 15.07
C LEU B 172 41.58 10.84 16.57
N LEU B 173 42.76 10.39 17.02
CA LEU B 173 42.97 10.17 18.45
C LEU B 173 42.86 11.46 19.24
N ALA B 174 43.44 12.54 18.72
CA ALA B 174 43.42 13.81 19.45
C ALA B 174 42.00 14.38 19.51
N CYS B 175 41.25 14.26 18.42
CA CYS B 175 39.99 15.00 18.30
C CYS B 175 38.79 14.17 18.76
N SER B 176 38.86 12.85 18.63
CA SER B 176 37.69 12.02 18.92
C SER B 176 37.31 12.00 20.40
N PHE B 177 38.28 11.98 21.31
CA PHE B 177 37.96 11.92 22.73
C PHE B 177 37.48 13.26 23.30
N GLY B 178 37.52 14.33 22.50
CA GLY B 178 36.97 15.59 22.96
C GLY B 178 35.47 15.52 23.20
N GLY B 179 34.75 14.83 22.32
CA GLY B 179 33.31 14.71 22.49
C GLY B 179 32.93 13.89 23.70
N LEU B 180 33.73 12.87 24.02
CA LEU B 180 33.38 11.96 25.12
C LEU B 180 33.37 12.68 26.46
N LEU B 181 34.35 13.55 26.71
CA LEU B 181 34.45 14.20 28.00
C LEU B 181 33.28 15.17 28.24
N THR B 182 32.78 15.80 27.18
CA THR B 182 31.66 16.72 27.34
C THR B 182 30.39 15.98 27.75
N LEU B 183 30.33 14.67 27.49
CA LEU B 183 29.14 13.89 27.78
C LEU B 183 28.83 13.79 29.26
N ILE B 184 29.84 13.84 30.13
CA ILE B 184 29.64 13.61 31.56
C ILE B 184 28.75 14.68 32.18
N PRO B 185 28.99 15.98 31.99
CA PRO B 185 28.05 16.97 32.53
C PRO B 185 26.72 17.01 31.79
N LEU B 186 26.71 16.75 30.49
CA LEU B 186 25.47 16.76 29.72
C LEU B 186 24.59 15.57 30.09
N ARG B 187 25.19 14.50 30.60
CA ARG B 187 24.43 13.28 30.91
C ARG B 187 23.36 13.54 31.96
N GLN B 188 23.71 14.29 33.00
CA GLN B 188 22.75 14.54 34.07
C GLN B 188 21.65 15.51 33.62
N VAL B 189 22.02 16.54 32.87
CA VAL B 189 21.08 17.60 32.51
C VAL B 189 20.05 17.08 31.52
N LEU B 190 20.48 16.28 30.54
CA LEU B 190 19.59 15.96 29.42
C LEU B 190 18.85 14.65 29.65
N VAL B 191 19.55 13.61 30.08
CA VAL B 191 18.94 12.28 30.14
C VAL B 191 17.88 12.21 31.23
N VAL B 192 18.18 12.72 32.42
CA VAL B 192 17.33 12.53 33.59
C VAL B 192 16.69 13.84 34.05
N ASP B 193 17.40 14.96 33.91
CA ASP B 193 16.88 16.22 34.41
C ASP B 193 15.81 16.78 33.48
N TYR B 194 16.18 17.05 32.22
CA TYR B 194 15.20 17.51 31.24
C TYR B 194 14.22 16.42 30.83
N LYS B 195 14.50 15.16 31.18
CA LYS B 195 13.62 14.04 30.86
C LYS B 195 13.39 13.92 29.36
N LEU B 196 14.43 14.21 28.58
CA LEU B 196 14.36 14.04 27.15
C LEU B 196 14.26 12.55 26.80
N VAL B 197 13.33 12.23 25.91
CA VAL B 197 13.15 10.85 25.44
C VAL B 197 13.91 10.70 24.13
N TYR B 198 14.89 9.82 24.12
CA TYR B 198 15.59 9.50 22.88
C TYR B 198 14.92 8.28 22.27
N PRO B 199 14.07 8.47 21.25
CA PRO B 199 13.25 7.34 20.78
C PRO B 199 14.06 6.14 20.31
N SER B 200 15.19 6.36 19.64
CA SER B 200 16.02 5.21 19.26
C SER B 200 16.72 4.59 20.47
N GLY B 201 17.16 5.41 21.42
CA GLY B 201 17.73 4.87 22.64
C GLY B 201 16.69 4.18 23.51
N THR B 202 15.49 4.74 23.57
CA THR B 202 14.40 4.09 24.31
C THR B 202 14.00 2.77 23.67
N ALA B 203 13.91 2.75 22.33
CA ALA B 203 13.53 1.52 21.64
C ALA B 203 14.59 0.43 21.82
N THR B 204 15.87 0.80 21.77
CA THR B 204 16.93 -0.17 21.97
C THR B 204 16.92 -0.72 23.39
N ALA B 205 16.64 0.13 24.38
CA ALA B 205 16.57 -0.34 25.76
C ALA B 205 15.44 -1.34 25.95
N ILE B 206 14.27 -1.06 25.35
CA ILE B 206 13.15 -2.00 25.45
C ILE B 206 13.47 -3.29 24.70
N LEU B 207 14.15 -3.18 23.55
CA LEU B 207 14.58 -4.37 22.84
C LEU B 207 15.53 -5.21 23.67
N ILE B 208 16.52 -4.57 24.32
CA ILE B 208 17.50 -5.30 25.10
C ILE B 208 16.86 -5.89 26.34
N ASN B 209 15.98 -5.14 27.00
CA ASN B 209 15.30 -5.66 28.19
C ASN B 209 14.45 -6.88 27.86
N GLY B 210 13.77 -6.85 26.71
CA GLY B 210 13.00 -8.01 26.30
C GLY B 210 13.85 -9.24 26.08
N PHE B 211 15.06 -9.06 25.54
CA PHE B 211 15.97 -10.17 25.34
C PHE B 211 16.36 -10.85 26.63
N HIS B 212 16.46 -10.11 27.73
CA HIS B 212 17.01 -10.63 28.97
C HIS B 212 16.01 -10.74 30.10
N THR B 213 14.75 -10.39 29.89
CA THR B 213 13.75 -10.57 30.93
C THR B 213 13.42 -12.05 31.06
N ASP B 214 13.34 -12.53 32.31
CA ASP B 214 13.11 -13.94 32.60
C ASP B 214 12.02 -14.14 33.64
N GLN B 215 11.24 -13.11 33.93
CA GLN B 215 10.20 -13.17 34.95
C GLN B 215 8.83 -13.28 34.29
N GLY B 216 8.00 -14.17 34.84
CA GLY B 216 6.65 -14.35 34.35
C GLY B 216 5.69 -13.49 35.14
N ASP B 217 5.20 -12.43 34.50
CA ASP B 217 4.31 -11.47 35.12
C ASP B 217 3.03 -11.35 34.32
N LYS B 218 2.04 -10.70 34.93
CA LYS B 218 0.78 -10.45 34.24
C LYS B 218 0.96 -9.53 33.04
N ASN B 219 1.96 -8.66 33.09
CA ASN B 219 2.22 -7.71 32.01
C ASN B 219 3.44 -8.05 31.17
N SER B 220 4.46 -8.68 31.77
CA SER B 220 5.69 -8.95 31.04
C SER B 220 5.44 -9.83 29.81
N ARG B 221 4.59 -10.84 29.96
CA ARG B 221 4.24 -11.68 28.82
C ARG B 221 3.51 -10.89 27.75
N LYS B 222 2.64 -9.96 28.16
CA LYS B 222 1.88 -9.17 27.19
C LYS B 222 2.78 -8.16 26.48
N GLN B 223 3.78 -7.62 27.19
CA GLN B 223 4.71 -6.69 26.55
C GLN B 223 5.49 -7.37 25.44
N ILE B 224 6.00 -8.59 25.69
CA ILE B 224 6.84 -9.27 24.72
C ILE B 224 6.02 -9.71 23.51
N ARG B 225 4.84 -10.31 23.76
CA ARG B 225 4.02 -10.80 22.67
C ARG B 225 3.50 -9.66 21.82
N GLY B 226 3.12 -8.54 22.43
CA GLY B 226 2.75 -7.37 21.66
C GLY B 226 3.93 -6.81 20.87
N PHE B 227 5.12 -6.81 21.48
CA PHE B 227 6.31 -6.35 20.77
C PHE B 227 6.62 -7.23 19.57
N LEU B 228 6.50 -8.54 19.73
CA LEU B 228 6.89 -9.45 18.66
C LEU B 228 5.94 -9.40 17.47
N LYS B 229 4.66 -9.20 17.72
CA LYS B 229 3.70 -9.10 16.62
C LYS B 229 3.99 -7.90 15.73
N TYR B 230 4.29 -6.74 16.32
CA TYR B 230 4.57 -5.55 15.56
C TYR B 230 6.02 -5.48 15.07
N PHE B 231 6.94 -6.18 15.74
CA PHE B 231 8.30 -6.26 15.23
C PHE B 231 8.35 -7.04 13.93
N GLY B 232 7.70 -8.20 13.89
CA GLY B 232 7.68 -9.00 12.67
C GLY B 232 6.91 -8.31 11.56
N GLY B 233 5.80 -7.66 11.90
CA GLY B 233 5.04 -6.93 10.90
C GLY B 233 5.84 -5.76 10.32
N SER B 234 6.52 -5.02 11.18
CA SER B 234 7.35 -3.90 10.71
C SER B 234 8.53 -4.39 9.89
N PHE B 235 9.16 -5.48 10.31
CA PHE B 235 10.28 -6.02 9.55
C PHE B 235 9.84 -6.51 8.17
N LEU B 236 8.73 -7.23 8.11
CA LEU B 236 8.25 -7.74 6.83
C LEU B 236 7.73 -6.62 5.94
N TRP B 237 7.14 -5.59 6.55
CA TRP B 237 6.70 -4.43 5.78
C TRP B 237 7.89 -3.73 5.13
N SER B 238 8.98 -3.53 5.87
CA SER B 238 10.18 -2.93 5.30
C SER B 238 10.82 -3.84 4.27
N PHE B 239 10.80 -5.15 4.52
CA PHE B 239 11.33 -6.11 3.55
C PHE B 239 10.53 -6.07 2.25
N PHE B 240 9.20 -6.02 2.36
CA PHE B 240 8.36 -5.95 1.17
C PHE B 240 8.58 -4.66 0.40
N GLN B 241 8.77 -3.55 1.11
CA GLN B 241 8.97 -2.26 0.47
C GLN B 241 10.22 -2.25 -0.41
N TRP B 242 11.25 -3.03 -0.04
CA TRP B 242 12.54 -2.93 -0.70
C TRP B 242 12.46 -3.28 -2.18
N PHE B 243 11.55 -4.18 -2.56
CA PHE B 243 11.51 -4.66 -3.93
C PHE B 243 10.99 -3.59 -4.91
N TYR B 244 10.42 -2.51 -4.41
CA TYR B 244 9.78 -1.51 -5.26
C TYR B 244 10.46 -0.15 -5.17
N THR B 245 11.52 -0.02 -4.38
CA THR B 245 12.34 1.19 -4.35
C THR B 245 13.52 1.06 -5.30
N GLY B 246 13.24 0.71 -6.54
CA GLY B 246 14.29 0.43 -7.52
C GLY B 246 14.50 1.57 -8.50
N GLY B 247 14.45 2.80 -8.00
CA GLY B 247 14.68 3.94 -8.86
C GLY B 247 14.79 5.20 -8.03
N ASP B 248 15.11 6.30 -8.72
CA ASP B 248 15.21 7.60 -8.08
C ASP B 248 13.81 8.12 -7.78
N ALA B 249 13.51 8.29 -6.49
CA ALA B 249 12.23 8.84 -6.03
C ALA B 249 11.05 8.01 -6.55
N CYS B 250 11.01 6.75 -6.11
CA CYS B 250 9.89 5.87 -6.42
C CYS B 250 9.84 4.74 -5.41
N GLY B 251 8.64 4.39 -4.97
CA GLY B 251 8.44 3.40 -3.94
C GLY B 251 7.39 3.87 -2.97
N PHE B 252 7.18 3.08 -1.91
CA PHE B 252 6.27 3.50 -0.85
C PHE B 252 6.83 4.68 -0.08
N VAL B 253 8.15 4.86 -0.11
CA VAL B 253 8.76 5.98 0.60
C VAL B 253 8.42 7.30 -0.09
N GLN B 254 8.38 7.32 -1.42
CA GLN B 254 7.97 8.51 -2.17
C GLN B 254 6.51 8.41 -2.60
N PHE B 255 5.61 8.24 -1.63
CA PHE B 255 4.20 8.03 -1.93
C PHE B 255 3.44 9.34 -1.80
N PRO B 256 2.85 9.87 -2.89
CA PRO B 256 2.06 11.12 -2.84
C PRO B 256 0.66 10.92 -2.29
N THR B 257 0.58 10.82 -0.95
CA THR B 257 -0.69 10.50 -0.32
C THR B 257 -1.68 11.66 -0.40
N PHE B 258 -1.18 12.88 -0.63
CA PHE B 258 -2.03 14.05 -0.74
C PHE B 258 -1.92 14.72 -2.11
N GLY B 259 -1.39 14.02 -3.10
CA GLY B 259 -1.25 14.54 -4.44
C GLY B 259 0.19 14.79 -4.82
N LEU B 260 0.40 14.95 -6.12
CA LEU B 260 1.73 15.17 -6.65
C LEU B 260 2.22 16.60 -6.40
N LYS B 261 1.30 17.56 -6.38
CA LYS B 261 1.68 18.94 -6.08
C LYS B 261 2.19 19.07 -4.64
N ALA B 262 1.50 18.42 -3.69
CA ALA B 262 1.95 18.46 -2.30
C ALA B 262 3.21 17.64 -2.10
N TRP B 263 3.38 16.57 -2.89
CA TRP B 263 4.57 15.73 -2.76
C TRP B 263 5.83 16.49 -3.15
N LYS B 264 5.76 17.27 -4.23
CA LYS B 264 6.92 18.07 -4.63
C LYS B 264 7.29 19.09 -3.56
N GLN B 265 6.33 19.48 -2.74
CA GLN B 265 6.56 20.36 -1.60
C GLN B 265 6.92 19.59 -0.34
N THR B 266 7.19 18.30 -0.47
CA THR B 266 7.56 17.41 0.64
C THR B 266 6.48 17.41 1.72
N PHE B 267 5.24 17.29 1.28
CA PHE B 267 4.08 17.26 2.16
C PHE B 267 3.27 16.01 1.91
N TYR B 268 3.95 14.87 1.89
CA TYR B 268 3.36 13.56 1.68
C TYR B 268 3.53 12.72 2.94
N PHE B 269 3.10 11.47 2.86
CA PHE B 269 3.26 10.51 3.94
C PHE B 269 4.01 9.30 3.40
N ASP B 270 5.30 9.22 3.72
CA ASP B 270 6.04 7.99 3.51
C ASP B 270 5.64 6.96 4.55
N PHE B 271 5.63 5.69 4.17
CA PHE B 271 5.17 4.62 5.04
C PHE B 271 6.27 4.15 5.98
N SER B 272 6.88 5.09 6.69
CA SER B 272 8.04 4.82 7.54
C SER B 272 7.56 4.55 8.96
N MET B 273 7.79 3.33 9.44
CA MET B 273 7.42 2.98 10.81
C MET B 273 8.41 3.52 11.83
N THR B 274 9.62 3.90 11.39
CA THR B 274 10.57 4.53 12.30
C THR B 274 10.05 5.87 12.80
N TYR B 275 9.58 6.71 11.89
CA TYR B 275 9.07 8.03 12.29
C TYR B 275 7.70 7.93 12.92
N VAL B 276 6.87 6.99 12.47
CA VAL B 276 5.59 6.76 13.13
C VAL B 276 5.81 6.24 14.54
N GLY B 277 6.73 5.29 14.71
CA GLY B 277 7.03 4.80 16.04
C GLY B 277 7.70 5.85 16.92
N ALA B 278 8.53 6.70 16.31
CA ALA B 278 9.16 7.78 17.07
C ALA B 278 8.14 8.76 17.60
N GLY B 279 7.13 9.11 16.80
CA GLY B 279 6.12 10.04 17.25
C GLY B 279 5.20 9.50 18.32
N MET B 280 5.11 8.17 18.45
CA MET B 280 4.23 7.58 19.45
C MET B 280 4.73 7.82 20.86
N ILE B 281 6.05 7.82 21.07
CA ILE B 281 6.63 8.02 22.39
C ILE B 281 7.16 9.43 22.56
N CYS B 282 6.92 10.31 21.60
CA CYS B 282 7.24 11.73 21.79
C CYS B 282 6.01 12.49 22.25
N PRO B 283 6.18 13.50 23.10
CA PRO B 283 5.03 14.29 23.53
C PRO B 283 4.39 15.02 22.37
N HIS B 284 3.08 15.30 22.50
CA HIS B 284 2.32 15.87 21.39
C HIS B 284 2.84 17.24 20.98
N ILE B 285 3.36 18.01 21.92
CA ILE B 285 3.86 19.35 21.59
C ILE B 285 5.09 19.26 20.70
N VAL B 286 5.91 18.22 20.90
CA VAL B 286 7.07 18.02 20.04
C VAL B 286 6.61 17.68 18.62
N ASN B 287 5.58 16.83 18.50
CA ASN B 287 5.08 16.44 17.19
C ASN B 287 4.35 17.60 16.50
N ILE B 288 3.58 18.37 17.27
CA ILE B 288 2.86 19.51 16.68
C ILE B 288 3.84 20.60 16.26
N SER B 289 4.87 20.86 17.07
CA SER B 289 5.88 21.83 16.69
C SER B 289 6.61 21.41 15.43
N THR B 290 6.85 20.11 15.27
CA THR B 290 7.48 19.61 14.05
C THR B 290 6.59 19.88 12.83
N LEU B 291 5.29 19.65 12.96
CA LEU B 291 4.36 19.98 11.88
C LEU B 291 4.28 21.48 11.64
N LEU B 292 4.31 22.27 12.71
CA LEU B 292 4.24 23.71 12.58
C LEU B 292 5.45 24.26 11.83
N GLY B 293 6.64 23.73 12.11
CA GLY B 293 7.82 24.16 11.38
C GLY B 293 7.79 23.78 9.91
N ALA B 294 7.18 22.63 9.60
CA ALA B 294 7.06 22.23 8.20
C ALA B 294 6.11 23.13 7.44
N ILE B 295 5.02 23.55 8.08
CA ILE B 295 4.05 24.43 7.42
C ILE B 295 4.66 25.82 7.22
N ILE B 296 5.36 26.34 8.23
CA ILE B 296 5.98 27.65 8.12
C ILE B 296 7.05 27.67 7.05
N SER B 297 7.88 26.63 7.00
CA SER B 297 9.01 26.62 6.08
C SER B 297 8.58 26.24 4.66
N TRP B 298 8.14 24.99 4.48
CA TRP B 298 7.82 24.49 3.15
C TRP B 298 6.47 24.93 2.63
N GLY B 299 5.55 25.34 3.53
CA GLY B 299 4.24 25.78 3.08
C GLY B 299 4.15 27.27 2.82
N ILE B 300 5.00 28.06 3.48
CA ILE B 300 4.91 29.51 3.38
C ILE B 300 6.23 30.09 2.87
N MET B 301 7.31 29.87 3.62
CA MET B 301 8.55 30.61 3.36
C MET B 301 9.18 30.23 2.03
N TRP B 302 9.39 28.94 1.77
CA TRP B 302 10.20 28.60 0.62
C TRP B 302 9.49 28.92 -0.69
N PRO B 303 8.18 28.71 -0.84
CA PRO B 303 7.51 29.24 -2.05
C PRO B 303 7.62 30.75 -2.17
N LEU B 304 7.57 31.48 -1.06
CA LEU B 304 7.64 32.94 -1.12
C LEU B 304 9.05 33.40 -1.47
N ILE B 305 10.07 32.79 -0.87
CA ILE B 305 11.44 33.16 -1.19
C ILE B 305 11.80 32.75 -2.61
N SER B 306 11.28 31.60 -3.06
CA SER B 306 11.57 31.11 -4.40
C SER B 306 10.99 31.98 -5.50
N LYS B 307 10.10 32.92 -5.16
CA LYS B 307 9.54 33.84 -6.13
C LYS B 307 10.54 34.89 -6.60
N ASN B 308 11.72 34.93 -5.99
CA ASN B 308 12.78 35.87 -6.33
C ASN B 308 14.02 35.13 -6.80
N LYS B 309 13.82 34.13 -7.66
CA LYS B 309 14.91 33.30 -8.14
C LYS B 309 15.89 34.05 -9.02
N GLY B 310 15.57 35.26 -9.45
CA GLY B 310 16.48 36.04 -10.26
C GLY B 310 16.95 37.30 -9.57
N ASP B 311 16.18 37.77 -8.58
CA ASP B 311 16.50 39.05 -7.94
C ASP B 311 17.33 38.86 -6.69
N TRP B 312 16.94 37.93 -5.81
CA TRP B 312 17.63 37.73 -4.53
C TRP B 312 18.87 36.86 -4.68
N TYR B 313 18.77 35.79 -5.46
CA TYR B 313 19.90 34.92 -5.72
C TYR B 313 19.97 34.56 -7.20
N PRO B 314 21.14 34.18 -7.71
CA PRO B 314 21.24 33.84 -9.14
C PRO B 314 20.41 32.60 -9.47
N ALA B 315 19.89 32.58 -10.70
CA ALA B 315 19.11 31.46 -11.19
C ALA B 315 19.93 30.43 -11.93
N LYS B 316 21.15 30.76 -12.35
CA LYS B 316 21.99 29.79 -13.03
C LYS B 316 22.60 28.78 -12.04
N VAL B 317 22.94 29.24 -10.84
CA VAL B 317 23.51 28.32 -9.85
C VAL B 317 22.43 27.34 -9.40
N PRO B 318 22.77 26.06 -9.21
CA PRO B 318 21.75 25.10 -8.77
C PRO B 318 21.33 25.34 -7.33
N GLU B 319 20.14 24.88 -7.00
CA GLU B 319 19.71 24.89 -5.60
C GLU B 319 20.55 23.91 -4.79
N SER B 320 20.29 23.83 -3.50
CA SER B 320 21.07 23.01 -2.56
C SER B 320 22.48 23.59 -2.41
N SER B 321 22.71 24.77 -2.98
CA SER B 321 23.97 25.48 -2.86
C SER B 321 23.82 26.63 -1.87
N MET B 322 24.94 27.05 -1.29
CA MET B 322 24.94 28.12 -0.31
C MET B 322 24.55 29.46 -0.94
N LYS B 323 24.51 29.52 -2.26
CA LYS B 323 24.19 30.74 -2.97
C LYS B 323 22.75 30.81 -3.46
N SER B 324 22.00 29.71 -3.43
CA SER B 324 20.66 29.67 -4.05
C SER B 324 19.72 28.82 -3.19
N LEU B 325 18.99 29.49 -2.31
CA LEU B 325 17.82 28.94 -1.61
C LEU B 325 18.19 27.90 -0.56
N TYR B 326 19.45 27.47 -0.52
CA TYR B 326 19.87 26.58 0.54
C TYR B 326 20.62 27.31 1.64
N GLY B 327 21.17 28.49 1.32
CA GLY B 327 21.63 29.38 2.37
C GLY B 327 20.51 29.75 3.32
N TYR B 328 19.30 29.97 2.78
CA TYR B 328 18.14 30.17 3.62
C TYR B 328 17.82 28.92 4.43
N LYS B 329 17.87 27.74 3.79
CA LYS B 329 17.54 26.51 4.49
C LYS B 329 18.49 26.26 5.65
N ALA B 330 19.79 26.35 5.40
CA ALA B 330 20.78 25.98 6.42
C ALA B 330 20.88 27.02 7.52
N PHE B 331 20.88 28.30 7.15
CA PHE B 331 21.18 29.35 8.13
C PHE B 331 19.96 29.65 9.00
N ILE B 332 18.76 29.59 8.44
CA ILE B 332 17.56 29.78 9.25
C ILE B 332 17.38 28.59 10.19
N CYS B 333 17.69 27.38 9.73
CA CYS B 333 17.55 26.20 10.57
C CYS B 333 18.47 26.26 11.78
N ILE B 334 19.74 26.64 11.57
CA ILE B 334 20.66 26.72 12.71
C ILE B 334 20.29 27.88 13.62
N ALA B 335 19.84 29.00 13.05
CA ALA B 335 19.45 30.14 13.87
C ALA B 335 18.28 29.80 14.79
N LEU B 336 17.31 29.04 14.28
CA LEU B 336 16.24 28.54 15.14
C LEU B 336 16.79 27.61 16.21
N ILE B 337 17.73 26.74 15.85
CA ILE B 337 18.34 25.85 16.83
C ILE B 337 19.22 26.62 17.78
N MET B 338 20.07 27.51 17.26
CA MET B 338 20.97 28.26 18.12
C MET B 338 20.22 29.29 18.96
N GLY B 339 19.15 29.86 18.41
CA GLY B 339 18.33 30.76 19.21
C GLY B 339 17.75 30.09 20.42
N ASP B 340 17.21 28.88 20.24
CA ASP B 340 16.72 28.08 21.35
C ASP B 340 17.89 27.50 22.15
N GLY B 341 18.95 27.07 21.46
CA GLY B 341 20.06 26.44 22.14
C GLY B 341 20.82 27.39 23.06
N MET B 342 21.06 28.63 22.61
CA MET B 342 21.79 29.57 23.45
C MET B 342 21.01 29.96 24.69
N TYR B 343 19.69 30.07 24.59
CA TYR B 343 18.90 30.38 25.78
C TYR B 343 19.04 29.29 26.83
N HIS B 344 18.97 28.03 26.41
CA HIS B 344 19.05 26.93 27.36
C HIS B 344 20.44 26.82 27.97
N PHE B 345 21.48 26.82 27.14
CA PHE B 345 22.84 26.61 27.66
C PHE B 345 23.21 27.69 28.66
N ILE B 346 22.77 28.93 28.43
CA ILE B 346 22.97 29.99 29.41
C ILE B 346 22.21 29.67 30.69
N LYS B 347 21.03 29.08 30.56
CA LYS B 347 20.20 28.82 31.74
C LYS B 347 20.84 27.81 32.68
N ILE B 348 21.43 26.73 32.14
CA ILE B 348 22.19 25.81 32.99
C ILE B 348 23.39 26.53 33.60
N VAL B 349 24.09 27.32 32.80
CA VAL B 349 25.23 28.07 33.32
C VAL B 349 24.77 29.06 34.39
N GLY B 350 23.67 29.76 34.15
CA GLY B 350 23.16 30.70 35.14
C GLY B 350 22.72 30.02 36.42
N ILE B 351 22.02 28.90 36.31
CA ILE B 351 21.58 28.17 37.49
C ILE B 351 22.79 27.64 38.27
N THR B 352 23.76 27.07 37.57
CA THR B 352 24.95 26.56 38.24
C THR B 352 25.74 27.69 38.89
N ALA B 353 25.88 28.82 38.21
CA ALA B 353 26.63 29.94 38.76
C ALA B 353 25.98 30.46 40.04
N MET B 354 24.66 30.56 40.06
CA MET B 354 23.96 30.97 41.28
C MET B 354 24.15 29.95 42.39
N SER B 355 24.11 28.66 42.06
CA SER B 355 24.25 27.62 43.07
C SER B 355 25.62 27.68 43.74
N MET B 356 26.68 27.89 42.96
CA MET B 356 28.01 27.94 43.55
C MET B 356 28.19 29.20 44.39
N TYR B 357 27.62 30.33 43.95
CA TYR B 357 27.72 31.56 44.71
C TYR B 357 27.01 31.44 46.06
N ARG B 358 25.85 30.78 46.08
CA ARG B 358 25.13 30.62 47.34
C ARG B 358 25.91 29.76 48.31
N GLN B 359 26.59 28.72 47.82
CA GLN B 359 27.41 27.86 48.66
C GLN B 359 28.58 28.63 49.26
N PRO B 393 32.88 15.38 40.29
CA PRO B 393 33.26 14.85 38.97
C PRO B 393 32.88 15.79 37.84
N SER B 394 32.13 16.85 38.15
CA SER B 394 31.72 17.80 37.13
C SER B 394 32.93 18.54 36.57
N TRP B 395 33.81 19.04 37.43
CA TRP B 395 34.99 19.76 36.96
C TRP B 395 36.09 18.79 36.56
N MET B 396 35.97 17.52 36.96
CA MET B 396 36.94 16.52 36.52
C MET B 396 36.88 16.32 35.00
N ALA B 397 35.67 16.27 34.44
CA ALA B 397 35.52 16.04 33.01
C ALA B 397 36.04 17.21 32.20
N TYR B 398 35.69 18.44 32.59
CA TYR B 398 36.09 19.60 31.81
C TYR B 398 37.59 19.85 31.94
N ALA B 399 38.18 19.47 33.07
CA ALA B 399 39.64 19.51 33.18
C ALA B 399 40.28 18.54 32.19
N GLY B 400 39.71 17.33 32.07
CA GLY B 400 40.19 16.39 31.07
C GLY B 400 39.93 16.87 29.65
N TYR B 401 38.78 17.51 29.44
CA TYR B 401 38.48 18.07 28.12
C TYR B 401 39.47 19.15 27.74
N ALA B 402 39.85 20.00 28.70
CA ALA B 402 40.84 21.04 28.42
C ALA B 402 42.19 20.44 28.07
N LEU B 403 42.57 19.34 28.73
CA LEU B 403 43.83 18.69 28.42
C LEU B 403 43.83 18.13 27.00
N PHE B 404 42.72 17.51 26.59
CA PHE B 404 42.61 17.03 25.22
C PHE B 404 42.46 18.19 24.24
N SER B 405 41.89 19.30 24.70
CA SER B 405 41.82 20.49 23.86
C SER B 405 43.20 21.03 23.53
N VAL B 406 44.08 21.10 24.53
CA VAL B 406 45.44 21.58 24.30
C VAL B 406 46.19 20.62 23.39
N LEU B 407 45.94 19.32 23.54
CA LEU B 407 46.62 18.33 22.72
C LEU B 407 46.31 18.53 21.24
N ALA B 408 45.06 18.81 20.91
CA ALA B 408 44.68 19.04 19.51
C ALA B 408 45.20 20.38 19.02
N VAL B 409 45.29 21.37 19.91
CA VAL B 409 45.75 22.70 19.51
C VAL B 409 47.20 22.65 19.06
N VAL B 410 48.03 21.85 19.74
CA VAL B 410 49.45 21.79 19.40
C VAL B 410 49.75 20.73 18.34
N THR B 411 48.78 19.91 17.96
CA THR B 411 49.01 18.79 17.06
C THR B 411 48.39 18.97 15.68
N ILE B 412 47.15 19.45 15.61
CA ILE B 412 46.48 19.59 14.32
C ILE B 412 47.21 20.55 13.37
N PRO B 413 47.66 21.73 13.80
CA PRO B 413 48.42 22.59 12.88
C PRO B 413 49.71 21.96 12.38
N VAL B 414 50.28 21.00 13.10
CA VAL B 414 51.47 20.30 12.62
C VAL B 414 51.14 19.51 11.36
N MET B 415 50.03 18.76 11.39
CA MET B 415 49.63 18.02 10.20
C MET B 415 49.20 18.97 9.08
N PHE B 416 48.44 20.01 9.42
CA PHE B 416 47.91 20.94 8.44
C PHE B 416 48.48 22.32 8.75
N LYS B 417 49.52 22.71 7.99
CA LYS B 417 50.05 24.07 8.10
C LYS B 417 49.03 25.11 7.67
N GLN B 418 48.01 24.70 6.92
CA GLN B 418 46.93 25.60 6.51
C GLN B 418 45.97 25.93 7.65
N VAL B 419 46.04 25.23 8.77
CA VAL B 419 45.15 25.43 9.90
C VAL B 419 45.92 26.12 11.01
N LYS B 420 45.40 27.24 11.48
CA LYS B 420 46.04 28.02 12.53
C LYS B 420 45.59 27.55 13.90
N TRP B 421 46.39 27.87 14.92
CA TRP B 421 46.17 27.35 16.26
C TRP B 421 44.87 27.86 16.85
N TYR B 422 44.53 29.15 16.62
CA TYR B 422 43.34 29.70 17.23
C TYR B 422 42.06 29.27 16.52
N TYR B 423 42.17 28.71 15.31
CA TYR B 423 41.02 28.06 14.70
C TYR B 423 40.56 26.87 15.53
N VAL B 424 41.51 26.07 16.01
CA VAL B 424 41.18 24.92 16.84
C VAL B 424 40.64 25.35 18.19
N VAL B 425 41.19 26.43 18.75
CA VAL B 425 40.73 26.91 20.05
C VAL B 425 39.27 27.34 19.97
N ILE B 426 38.91 28.10 18.93
CA ILE B 426 37.51 28.49 18.75
C ILE B 426 36.64 27.26 18.52
N ALA B 427 37.13 26.30 17.74
CA ALA B 427 36.35 25.09 17.48
C ALA B 427 36.08 24.31 18.75
N TYR B 428 37.06 24.25 19.66
CA TYR B 428 36.92 23.51 20.90
C TYR B 428 36.20 24.30 21.99
N VAL B 429 35.99 25.59 21.80
CA VAL B 429 35.26 26.39 22.78
C VAL B 429 33.76 26.37 22.50
N VAL B 430 33.38 26.49 21.23
CA VAL B 430 31.96 26.41 20.87
C VAL B 430 31.48 24.97 20.80
N ALA B 431 32.38 24.00 20.86
CA ALA B 431 31.97 22.60 20.81
C ALA B 431 31.08 22.19 21.97
N PRO B 432 31.36 22.54 23.24
CA PRO B 432 30.34 22.28 24.28
C PRO B 432 29.01 22.95 23.97
N MET B 433 29.05 24.15 23.40
CA MET B 433 27.83 24.81 22.98
C MET B 433 27.12 24.06 21.86
N LEU B 434 27.84 23.75 20.78
CA LEU B 434 27.21 23.13 19.63
C LEU B 434 26.79 21.69 19.93
N GLY B 435 27.57 21.00 20.76
CA GLY B 435 27.20 19.64 21.13
C GLY B 435 25.94 19.57 21.98
N PHE B 436 25.75 20.56 22.85
CA PHE B 436 24.56 20.58 23.70
C PHE B 436 23.29 20.72 22.89
N ALA B 437 23.30 21.60 21.88
CA ALA B 437 22.11 21.80 21.06
C ALA B 437 21.74 20.55 20.29
N ASN B 438 22.74 19.87 19.71
CA ASN B 438 22.47 18.66 18.95
C ASN B 438 21.93 17.55 19.85
N SER B 439 22.50 17.38 21.04
CA SER B 439 22.01 16.38 21.96
C SER B 439 20.59 16.71 22.42
N TYR B 440 20.31 17.99 22.65
CA TYR B 440 18.95 18.40 22.98
C TYR B 440 18.00 18.16 21.81
N GLY B 441 18.45 18.43 20.59
CA GLY B 441 17.62 18.18 19.43
C GLY B 441 17.36 16.70 19.19
N THR B 442 18.40 15.88 19.37
CA THR B 442 18.22 14.43 19.24
C THR B 442 17.32 13.89 20.34
N GLY B 443 17.33 14.52 21.51
CA GLY B 443 16.49 14.07 22.60
C GLY B 443 15.03 14.44 22.41
N LEU B 444 14.73 15.30 21.44
CA LEU B 444 13.35 15.66 21.14
C LEU B 444 12.82 14.90 19.92
N THR B 445 13.49 15.04 18.79
CA THR B 445 12.98 14.57 17.52
C THR B 445 13.68 13.31 17.02
N ASP B 446 14.70 12.82 17.72
CA ASP B 446 15.48 11.65 17.34
C ASP B 446 16.27 11.86 16.04
N ILE B 447 16.48 13.11 15.64
CA ILE B 447 17.20 13.43 14.41
C ILE B 447 18.54 14.04 14.79
N ASN B 448 19.62 13.36 14.41
CA ASN B 448 20.95 13.90 14.62
C ASN B 448 21.28 14.89 13.51
N MET B 449 21.54 16.14 13.89
CA MET B 449 21.83 17.20 12.93
C MET B 449 23.32 17.50 12.83
N GLY B 450 24.16 16.62 13.39
CA GLY B 450 25.57 16.95 13.54
C GLY B 450 26.27 17.21 12.22
N TYR B 451 25.87 16.51 11.15
CA TYR B 451 26.51 16.73 9.87
C TYR B 451 26.04 18.02 9.23
N ASN B 452 24.92 18.57 9.71
CA ASN B 452 24.49 19.90 9.26
C ASN B 452 25.31 20.99 9.93
N TYR B 453 25.70 20.78 11.19
CA TYR B 453 26.60 21.73 11.87
C TYR B 453 27.94 21.81 11.17
N GLY B 454 28.48 20.66 10.73
CA GLY B 454 29.77 20.67 10.06
C GLY B 454 29.76 21.46 8.76
N LYS B 455 28.64 21.42 8.04
CA LYS B 455 28.52 22.22 6.81
C LYS B 455 28.57 23.71 7.13
N ILE B 456 27.90 24.13 8.21
CA ILE B 456 27.96 25.53 8.61
C ILE B 456 29.35 25.90 9.09
N ALA B 457 29.96 25.04 9.91
CA ALA B 457 31.31 25.29 10.40
C ALA B 457 32.32 25.30 9.26
N LEU B 458 32.14 24.40 8.28
CA LEU B 458 33.02 24.40 7.12
C LEU B 458 32.90 25.71 6.35
N PHE B 459 31.67 26.19 6.16
CA PHE B 459 31.45 27.43 5.43
C PHE B 459 32.04 28.62 6.18
N VAL B 460 31.84 28.66 7.50
CA VAL B 460 32.30 29.80 8.29
C VAL B 460 33.82 29.82 8.37
N PHE B 461 34.43 28.66 8.64
CA PHE B 461 35.89 28.60 8.78
C PHE B 461 36.59 28.83 7.45
N ALA B 462 35.95 28.46 6.34
CA ALA B 462 36.53 28.75 5.03
C ALA B 462 36.56 30.24 4.75
N GLY B 463 35.54 30.98 5.22
CA GLY B 463 35.55 32.42 5.09
C GLY B 463 36.47 33.14 6.04
N TRP B 464 36.95 32.44 7.07
CA TRP B 464 37.91 33.00 8.01
C TRP B 464 39.34 32.91 7.50
N ALA B 465 39.53 32.33 6.31
CA ALA B 465 40.82 32.34 5.63
C ALA B 465 40.60 32.75 4.18
N GLY B 466 41.62 33.35 3.58
CA GLY B 466 41.52 33.86 2.23
C GLY B 466 41.56 32.76 1.19
N LYS B 467 41.93 33.16 -0.04
CA LYS B 467 42.12 32.18 -1.10
C LYS B 467 43.23 31.22 -0.73
N GLU B 468 44.33 31.73 -0.18
CA GLU B 468 45.33 30.86 0.43
C GLU B 468 44.73 30.17 1.64
N ASN B 469 45.19 28.93 1.87
CA ASN B 469 44.89 28.07 3.02
C ASN B 469 43.45 28.23 3.52
N GLY B 470 42.49 28.30 2.60
CA GLY B 470 41.10 28.48 2.97
C GLY B 470 40.24 27.24 2.79
N VAL B 471 40.49 26.48 1.72
CA VAL B 471 39.71 25.27 1.48
C VAL B 471 40.08 24.20 2.49
N ILE B 472 41.37 24.01 2.73
CA ILE B 472 41.82 23.00 3.69
C ILE B 472 41.38 23.37 5.10
N ALA B 473 41.47 24.67 5.45
CA ALA B 473 41.05 25.11 6.78
C ALA B 473 39.57 24.86 7.00
N GLY B 474 38.74 25.12 5.98
CA GLY B 474 37.33 24.87 6.11
C GLY B 474 37.00 23.39 6.24
N LEU B 475 37.65 22.54 5.43
CA LEU B 475 37.38 21.12 5.48
C LEU B 475 37.83 20.51 6.80
N VAL B 476 39.02 20.87 7.27
CA VAL B 476 39.55 20.29 8.51
C VAL B 476 38.75 20.77 9.71
N ALA B 477 38.52 22.09 9.79
CA ALA B 477 37.79 22.63 10.94
C ALA B 477 36.34 22.18 10.96
N GLY B 478 35.76 21.97 9.77
CA GLY B 478 34.42 21.40 9.71
C GLY B 478 34.39 19.97 10.21
N THR B 479 35.48 19.23 10.00
CA THR B 479 35.55 17.85 10.50
C THR B 479 35.62 17.82 12.02
N LEU B 480 36.37 18.73 12.62
CA LEU B 480 36.43 18.80 14.09
C LEU B 480 35.07 19.12 14.68
N VAL B 481 34.38 20.12 14.13
CA VAL B 481 33.10 20.52 14.69
C VAL B 481 32.07 19.41 14.52
N LYS B 482 32.04 18.76 13.36
CA LYS B 482 31.07 17.70 13.14
C LYS B 482 31.28 16.56 14.12
N GLN B 483 32.54 16.15 14.32
CA GLN B 483 32.81 15.01 15.18
C GLN B 483 32.41 15.29 16.62
N LEU B 484 32.77 16.47 17.13
CA LEU B 484 32.40 16.83 18.50
C LEU B 484 30.88 16.90 18.65
N VAL B 485 30.20 17.44 17.65
CA VAL B 485 28.75 17.59 17.71
C VAL B 485 28.06 16.25 17.47
N LEU B 486 28.49 15.51 16.45
CA LEU B 486 27.79 14.29 16.05
C LEU B 486 27.97 13.19 17.09
N ILE B 487 29.17 13.05 17.63
CA ILE B 487 29.44 12.00 18.62
C ILE B 487 28.60 12.22 19.87
N SER B 488 28.45 13.48 20.29
CA SER B 488 27.72 13.77 21.52
C SER B 488 26.27 13.34 21.41
N ALA B 489 25.62 13.62 20.28
CA ALA B 489 24.21 13.26 20.12
C ALA B 489 24.05 11.75 19.96
N ASP B 490 24.89 11.11 19.15
CA ASP B 490 24.74 9.69 18.90
C ASP B 490 25.00 8.86 20.15
N LEU B 491 25.83 9.38 21.06
CA LEU B 491 26.21 8.61 22.23
C LEU B 491 25.40 8.96 23.47
N MET B 492 24.58 10.00 23.42
CA MET B 492 23.55 10.20 24.43
C MET B 492 22.39 9.25 24.24
N GLN B 493 22.17 8.77 23.01
CA GLN B 493 21.21 7.71 22.80
C GLN B 493 21.60 6.45 23.55
N ASP B 494 22.90 6.24 23.77
CA ASP B 494 23.37 5.10 24.54
C ASP B 494 23.19 5.29 26.03
N PHE B 495 23.28 6.53 26.52
CA PHE B 495 23.08 6.78 27.95
C PHE B 495 21.61 6.69 28.32
N LYS B 496 20.71 7.02 27.40
CA LYS B 496 19.29 6.74 27.62
C LYS B 496 19.04 5.24 27.66
N THR B 497 19.71 4.48 26.81
CA THR B 497 19.60 3.02 26.84
C THR B 497 20.13 2.47 28.15
N SER B 498 21.28 2.98 28.61
CA SER B 498 21.84 2.51 29.87
C SER B 498 21.02 2.96 31.07
N TYR B 499 20.34 4.10 30.95
CA TYR B 499 19.48 4.57 32.02
C TYR B 499 18.30 3.63 32.24
N LEU B 500 17.73 3.11 31.15
CA LEU B 500 16.57 2.23 31.27
C LEU B 500 16.97 0.79 31.58
N THR B 501 18.19 0.40 31.22
CA THR B 501 18.68 -0.95 31.52
C THR B 501 19.40 -1.04 32.86
N GLN B 502 19.42 0.04 33.64
CA GLN B 502 20.15 0.10 34.91
C GLN B 502 21.61 -0.31 34.73
N THR B 503 22.26 0.25 33.72
CA THR B 503 23.69 0.04 33.52
C THR B 503 24.48 1.13 34.23
N SER B 504 25.67 0.75 34.69
CA SER B 504 26.51 1.68 35.43
C SER B 504 27.06 2.76 34.50
N PRO B 505 26.88 4.05 34.83
CA PRO B 505 27.45 5.09 33.97
C PRO B 505 28.95 5.03 33.82
N LYS B 506 29.68 4.64 34.87
CA LYS B 506 31.14 4.61 34.78
C LYS B 506 31.61 3.47 33.87
N SER B 507 30.90 2.34 33.88
CA SER B 507 31.21 1.27 32.94
C SER B 507 30.81 1.67 31.53
N MET B 508 29.77 2.49 31.40
CA MET B 508 29.41 3.02 30.09
C MET B 508 30.52 3.88 29.52
N MET B 509 31.14 4.73 30.35
CA MET B 509 32.18 5.61 29.86
C MET B 509 33.45 4.85 29.49
N ILE B 510 33.73 3.75 30.19
CA ILE B 510 34.86 2.91 29.80
C ILE B 510 34.61 2.28 28.43
N ALA B 511 33.38 1.82 28.19
CA ALA B 511 33.04 1.31 26.87
C ALA B 511 33.08 2.41 25.82
N GLN B 512 32.80 3.65 26.22
CA GLN B 512 32.95 4.79 25.32
C GLN B 512 34.38 4.90 24.81
N VAL B 513 35.35 4.89 25.72
CA VAL B 513 36.75 5.14 25.35
C VAL B 513 37.30 3.98 24.55
N VAL B 514 37.03 2.75 24.99
CA VAL B 514 37.59 1.57 24.32
C VAL B 514 37.07 1.48 22.89
N GLY B 515 35.76 1.67 22.70
CA GLY B 515 35.22 1.65 21.35
C GLY B 515 35.75 2.78 20.49
N THR B 516 35.87 3.97 21.07
CA THR B 516 36.45 5.10 20.34
C THR B 516 37.92 4.83 20.01
N ALA B 517 38.68 4.27 20.95
CA ALA B 517 40.08 3.96 20.69
C ALA B 517 40.22 2.91 19.58
N MET B 518 39.39 1.87 19.62
CA MET B 518 39.38 0.89 18.54
C MET B 518 38.93 1.51 17.23
N GLY B 519 37.91 2.37 17.28
CA GLY B 519 37.45 3.03 16.07
C GLY B 519 38.49 3.92 15.42
N CYS B 520 39.26 4.64 16.24
CA CYS B 520 40.31 5.49 15.71
C CYS B 520 41.45 4.72 15.08
N ILE B 521 41.51 3.40 15.29
CA ILE B 521 42.52 2.54 14.69
C ILE B 521 41.94 1.72 13.55
N VAL B 522 40.80 1.07 13.77
CA VAL B 522 40.22 0.20 12.75
C VAL B 522 39.81 1.00 11.52
N SER B 523 39.16 2.14 11.72
CA SER B 523 38.65 2.91 10.59
C SER B 523 39.74 3.40 9.64
N PRO B 524 40.85 3.99 10.11
CA PRO B 524 41.91 4.37 9.15
C PRO B 524 42.49 3.19 8.39
N LEU B 525 42.70 2.04 9.04
CA LEU B 525 43.20 0.88 8.31
C LEU B 525 42.14 0.28 7.40
N THR B 526 40.88 0.26 7.85
CA THR B 526 39.82 -0.20 6.96
C THR B 526 39.70 0.70 5.74
N PHE B 527 39.77 2.01 5.95
CA PHE B 527 39.69 2.95 4.83
C PHE B 527 40.84 2.74 3.85
N MET B 528 42.05 2.56 4.37
CA MET B 528 43.21 2.46 3.49
C MET B 528 43.18 1.16 2.68
N LEU B 529 42.66 0.08 3.27
CA LEU B 529 42.53 -1.16 2.53
C LEU B 529 41.62 -0.99 1.32
N PHE B 530 40.49 -0.30 1.50
CA PHE B 530 39.69 0.09 0.36
C PHE B 530 40.45 1.04 -0.57
N TYR B 531 41.17 2.01 0.01
CA TYR B 531 41.82 3.04 -0.78
C TYR B 531 42.96 2.48 -1.63
N LYS B 532 43.83 1.68 -1.03
CA LYS B 532 44.94 1.09 -1.79
C LYS B 532 44.43 0.12 -2.85
N ALA B 533 43.44 -0.71 -2.52
CA ALA B 533 43.03 -1.77 -3.43
C ALA B 533 42.26 -1.22 -4.62
N PHE B 534 41.23 -0.42 -4.36
CA PHE B 534 40.30 0.01 -5.38
C PHE B 534 40.52 1.49 -5.72
N ASP B 535 39.71 2.03 -6.61
CA ASP B 535 39.84 3.41 -7.07
C ASP B 535 38.62 4.19 -6.60
N ILE B 536 38.78 4.98 -5.55
CA ILE B 536 37.69 5.72 -4.94
C ILE B 536 37.79 7.18 -5.37
N GLY B 537 36.66 7.75 -5.79
CA GLY B 537 36.60 9.14 -6.19
C GLY B 537 36.33 9.36 -7.67
N ASN B 538 36.37 8.31 -8.48
CA ASN B 538 36.13 8.44 -9.90
C ASN B 538 34.65 8.74 -10.15
N PRO B 539 34.33 9.86 -10.79
CA PRO B 539 32.92 10.16 -11.06
C PRO B 539 32.24 9.14 -11.96
N ASP B 540 32.99 8.49 -12.84
CA ASP B 540 32.46 7.45 -13.73
C ASP B 540 33.13 6.13 -13.31
N GLY B 541 32.52 5.47 -12.33
CA GLY B 541 33.07 4.23 -11.83
C GLY B 541 32.19 3.68 -10.73
N THR B 542 32.65 2.57 -10.15
CA THR B 542 31.90 1.94 -9.07
C THR B 542 32.09 2.70 -7.76
N TRP B 543 33.34 2.80 -7.30
CA TRP B 543 33.65 3.51 -6.05
C TRP B 543 33.70 5.02 -6.32
N LYS B 544 32.52 5.60 -6.39
CA LYS B 544 32.38 7.05 -6.49
C LYS B 544 31.94 7.61 -5.16
N ALA B 545 32.67 8.60 -4.65
CA ALA B 545 32.28 9.25 -3.41
C ALA B 545 31.74 10.64 -3.74
N PRO B 546 30.42 10.76 -3.99
CA PRO B 546 29.90 12.06 -4.43
C PRO B 546 30.11 13.17 -3.43
N TYR B 547 30.03 12.87 -2.13
CA TYR B 547 30.07 13.92 -1.12
C TYR B 547 31.47 14.44 -0.88
N ALA B 548 32.50 13.73 -1.36
CA ALA B 548 33.86 14.26 -1.29
C ALA B 548 33.99 15.52 -2.13
N LEU B 549 33.43 15.52 -3.33
CA LEU B 549 33.44 16.69 -4.18
C LEU B 549 32.42 17.74 -3.73
N ILE B 550 31.27 17.28 -3.22
CA ILE B 550 30.25 18.22 -2.76
C ILE B 550 30.76 19.04 -1.57
N TYR B 551 31.43 18.37 -0.64
CA TYR B 551 32.03 19.09 0.49
C TYR B 551 33.21 19.95 0.04
N ARG B 552 33.96 19.48 -0.96
CA ARG B 552 35.06 20.27 -1.50
C ARG B 552 34.55 21.56 -2.11
N ASN B 553 33.43 21.49 -2.83
CA ASN B 553 32.87 22.68 -3.46
C ASN B 553 32.26 23.62 -2.42
N MET B 554 31.83 23.09 -1.28
CA MET B 554 31.37 23.96 -0.20
C MET B 554 32.50 24.84 0.31
N ALA B 555 33.68 24.25 0.50
CA ALA B 555 34.81 25.03 1.00
C ALA B 555 35.30 26.04 -0.03
N ILE B 556 35.32 25.66 -1.31
CA ILE B 556 35.69 26.61 -2.36
C ILE B 556 34.72 27.77 -2.39
N LEU B 557 33.42 27.50 -2.30
CA LEU B 557 32.42 28.55 -2.22
C LEU B 557 32.57 29.34 -0.93
N GLY B 558 33.01 28.69 0.15
CA GLY B 558 33.15 29.35 1.43
C GLY B 558 34.36 30.24 1.54
N VAL B 559 35.32 30.13 0.61
CA VAL B 559 36.46 31.04 0.61
C VAL B 559 35.99 32.48 0.50
N GLU B 560 35.09 32.74 -0.45
CA GLU B 560 34.35 33.99 -0.45
C GLU B 560 33.46 34.04 0.77
N GLY B 561 33.41 35.21 1.42
CA GLY B 561 32.79 35.32 2.72
C GLY B 561 31.28 35.26 2.72
N PHE B 562 30.66 35.94 3.69
CA PHE B 562 29.21 35.94 3.79
C PHE B 562 28.53 36.73 2.68
N SER B 563 29.29 37.24 1.72
CA SER B 563 28.70 37.98 0.61
C SER B 563 27.97 37.06 -0.37
N VAL B 564 28.41 35.81 -0.46
CA VAL B 564 27.82 34.90 -1.45
C VAL B 564 26.45 34.41 -0.99
N LEU B 565 26.12 34.59 0.28
CA LEU B 565 24.81 34.17 0.75
C LEU B 565 23.72 34.98 0.05
N PRO B 566 22.54 34.40 -0.17
CA PRO B 566 21.50 35.11 -0.93
C PRO B 566 21.04 36.36 -0.19
N LYS B 567 20.33 37.21 -0.92
CA LYS B 567 19.91 38.49 -0.38
C LYS B 567 18.92 38.29 0.75
N TYR B 568 19.13 39.03 1.84
CA TYR B 568 18.35 38.99 3.08
C TYR B 568 18.49 37.68 3.83
N CYS B 569 19.50 36.86 3.52
CA CYS B 569 19.66 35.60 4.24
C CYS B 569 20.04 35.84 5.70
N ILE B 570 20.94 36.79 5.95
CA ILE B 570 21.34 37.08 7.32
C ILE B 570 20.22 37.74 8.10
N VAL B 571 19.47 38.63 7.44
CA VAL B 571 18.41 39.37 8.12
C VAL B 571 17.31 38.42 8.60
N ILE B 572 16.87 37.52 7.72
CA ILE B 572 15.83 36.58 8.09
C ILE B 572 16.34 35.58 9.12
N SER B 573 17.59 35.14 8.98
CA SER B 573 18.18 34.23 9.96
C SER B 573 18.28 34.89 11.33
N GLY B 574 18.67 36.16 11.37
CA GLY B 574 18.69 36.88 12.62
C GLY B 574 17.30 37.06 13.22
N GLY B 575 16.30 37.25 12.36
CA GLY B 575 14.93 37.35 12.86
C GLY B 575 14.45 36.05 13.47
N PHE B 576 14.76 34.92 12.84
CA PHE B 576 14.35 33.63 13.39
C PHE B 576 15.21 33.23 14.59
N PHE B 577 16.42 33.78 14.70
CA PHE B 577 17.20 33.61 15.91
C PHE B 577 16.49 34.26 17.10
N ALA B 578 15.99 35.48 16.91
CA ALA B 578 15.24 36.15 17.97
C ALA B 578 13.91 35.48 18.21
N PHE B 579 13.22 35.06 17.14
CA PHE B 579 11.92 34.43 17.30
C PHE B 579 12.03 33.12 18.07
N ALA B 580 13.10 32.36 17.83
CA ALA B 580 13.34 31.14 18.62
C ALA B 580 13.61 31.48 20.08
N ALA B 581 14.36 32.57 20.33
CA ALA B 581 14.67 32.96 21.69
C ALA B 581 13.44 33.43 22.44
N ILE B 582 12.52 34.12 21.75
CA ILE B 582 11.31 34.60 22.40
C ILE B 582 10.44 33.44 22.86
N LEU B 583 10.30 32.42 22.00
CA LEU B 583 9.49 31.26 22.39
C LEU B 583 10.10 30.53 23.59
N SER B 584 11.43 30.45 23.65
CA SER B 584 12.08 29.83 24.79
C SER B 584 11.81 30.59 26.07
N ILE B 585 11.85 31.93 26.01
CA ILE B 585 11.51 32.75 27.17
C ILE B 585 10.03 32.63 27.49
N THR B 586 9.20 32.65 26.45
CA THR B 586 7.74 32.63 26.59
C THR B 586 7.27 31.37 27.28
N ARG B 587 8.05 30.28 27.17
CA ARG B 587 7.67 29.01 27.76
C ARG B 587 8.12 28.86 29.21
N ASP B 588 9.21 29.51 29.62
CA ASP B 588 9.69 29.41 30.99
C ASP B 588 9.12 30.50 31.90
N VAL B 589 8.55 31.57 31.34
CA VAL B 589 8.01 32.64 32.17
C VAL B 589 6.50 32.56 32.35
N MET B 590 5.78 31.96 31.41
CA MET B 590 4.34 31.83 31.55
C MET B 590 4.01 30.63 32.46
N PRO B 591 2.83 30.66 33.10
CA PRO B 591 2.44 29.53 33.96
C PRO B 591 2.33 28.24 33.17
N HIS B 592 2.54 27.12 33.89
CA HIS B 592 2.51 25.82 33.24
C HIS B 592 1.16 25.52 32.60
N LYS B 593 0.11 26.18 33.04
CA LYS B 593 -1.21 25.96 32.46
C LYS B 593 -1.37 26.64 31.11
N TYR B 594 -0.47 27.57 30.78
CA TYR B 594 -0.31 28.05 29.40
C TYR B 594 1.03 27.67 28.78
N ALA B 595 2.02 27.24 29.58
CA ALA B 595 3.33 26.96 29.03
C ALA B 595 3.36 25.69 28.18
N LYS B 596 2.34 24.84 28.28
CA LYS B 596 2.35 23.57 27.57
C LYS B 596 1.85 23.69 26.13
N TYR B 597 1.35 24.86 25.72
CA TYR B 597 0.91 25.09 24.36
C TYR B 597 1.97 25.79 23.51
N VAL B 598 3.08 26.21 24.09
CA VAL B 598 4.09 26.96 23.36
C VAL B 598 4.93 25.99 22.53
N PRO B 599 5.03 26.19 21.22
CA PRO B 599 5.84 25.28 20.39
C PRO B 599 7.32 25.36 20.73
N LEU B 600 8.01 24.25 20.48
CA LEU B 600 9.44 24.16 20.75
C LEU B 600 10.21 24.63 19.52
N PRO B 601 11.03 25.68 19.63
CA PRO B 601 11.63 26.28 18.43
C PRO B 601 12.52 25.35 17.63
N MET B 602 13.21 24.41 18.29
CA MET B 602 14.18 23.61 17.56
C MET B 602 13.66 22.23 17.18
N ALA B 603 12.49 21.85 17.69
CA ALA B 603 11.72 20.80 17.02
C ALA B 603 11.10 21.33 15.74
N MET B 604 10.79 22.63 15.71
CA MET B 604 10.30 23.29 14.50
C MET B 604 11.38 23.34 13.43
N ALA B 605 12.65 23.44 13.82
CA ALA B 605 13.74 23.67 12.90
C ALA B 605 14.10 22.44 12.06
N VAL B 606 13.84 21.23 12.57
CA VAL B 606 14.21 20.03 11.83
C VAL B 606 13.55 19.95 10.46
N PRO B 607 12.23 20.19 10.33
CA PRO B 607 11.61 20.15 9.00
C PRO B 607 12.06 21.27 8.06
N PHE B 608 13.00 22.12 8.46
CA PHE B 608 13.51 23.13 7.53
C PHE B 608 14.46 22.53 6.52
N LEU B 609 15.18 21.47 6.89
CA LEU B 609 16.11 20.79 6.00
C LEU B 609 15.51 19.50 5.43
N VAL B 610 14.96 18.65 6.29
CA VAL B 610 14.19 17.50 5.84
C VAL B 610 12.78 18.00 5.55
N GLY B 611 12.05 17.28 4.71
CA GLY B 611 10.73 17.76 4.31
C GLY B 611 9.69 17.67 5.41
N GLY B 612 8.43 17.91 5.04
CA GLY B 612 7.32 17.74 5.95
C GLY B 612 6.78 16.34 6.04
N SER B 613 7.31 15.41 5.25
CA SER B 613 6.91 14.01 5.37
C SER B 613 7.31 13.44 6.72
N PHE B 614 8.49 13.82 7.21
CA PHE B 614 8.91 13.42 8.55
C PHE B 614 7.97 13.98 9.60
N ALA B 615 7.54 15.23 9.43
CA ALA B 615 6.60 15.84 10.36
C ALA B 615 5.24 15.13 10.34
N ILE B 616 4.79 14.74 9.15
CA ILE B 616 3.50 14.07 9.03
C ILE B 616 3.53 12.70 9.67
N ASP B 617 4.64 11.97 9.50
CA ASP B 617 4.80 10.68 10.17
C ASP B 617 4.80 10.84 11.69
N MET B 618 5.48 11.87 12.18
CA MET B 618 5.48 12.14 13.62
C MET B 618 4.08 12.42 14.14
N CYS B 619 3.31 13.21 13.39
CA CYS B 619 1.97 13.57 13.84
C CYS B 619 1.00 12.40 13.75
N LEU B 620 1.20 11.51 12.77
CA LEU B 620 0.37 10.32 12.70
C LEU B 620 0.59 9.43 13.93
N GLY B 621 1.84 9.31 14.38
CA GLY B 621 2.10 8.54 15.59
C GLY B 621 1.44 9.13 16.81
N SER B 622 1.46 10.46 16.94
CA SER B 622 0.77 11.11 18.04
C SER B 622 -0.74 10.96 17.92
N LEU B 623 -1.25 10.94 16.68
CA LEU B 623 -2.67 10.70 16.47
C LEU B 623 -3.06 9.29 16.91
N ILE B 624 -2.19 8.31 16.65
CA ILE B 624 -2.45 6.93 17.09
C ILE B 624 -2.50 6.86 18.61
N VAL B 625 -1.56 7.53 19.28
CA VAL B 625 -1.52 7.48 20.74
C VAL B 625 -2.71 8.23 21.34
N PHE B 626 -3.09 9.35 20.73
CA PHE B 626 -4.25 10.09 21.23
C PHE B 626 -5.52 9.25 21.15
N ALA B 627 -5.74 8.59 20.02
CA ALA B 627 -6.91 7.72 19.88
C ALA B 627 -6.83 6.53 20.82
N TRP B 628 -5.65 5.91 20.93
CA TRP B 628 -5.48 4.75 21.80
C TRP B 628 -5.72 5.11 23.26
N THR B 629 -5.24 6.28 23.69
CA THR B 629 -5.45 6.70 25.07
C THR B 629 -6.93 6.92 25.36
N LYS B 630 -7.66 7.52 24.39
CA LYS B 630 -9.09 7.74 24.58
C LYS B 630 -9.85 6.42 24.65
N ILE B 631 -9.55 5.48 23.76
CA ILE B 631 -10.28 4.22 23.73
C ILE B 631 -10.00 3.39 24.97
N ASN B 632 -8.73 3.26 25.34
CA ASN B 632 -8.36 2.43 26.50
C ASN B 632 -7.20 3.11 27.22
N LYS B 633 -7.51 3.79 28.32
CA LYS B 633 -6.49 4.51 29.08
C LYS B 633 -5.47 3.57 29.69
N LYS B 634 -5.92 2.45 30.25
CA LYS B 634 -5.03 1.58 31.01
C LYS B 634 -4.02 0.88 30.11
N GLU B 635 -4.49 0.28 29.01
CA GLU B 635 -3.62 -0.51 28.16
C GLU B 635 -2.60 0.36 27.43
N ALA B 636 -3.04 1.54 26.96
CA ALA B 636 -2.14 2.42 26.24
C ALA B 636 -1.00 2.91 27.12
N GLY B 637 -1.18 2.85 28.44
CA GLY B 637 -0.14 3.32 29.35
C GLY B 637 1.14 2.50 29.24
N PHE B 638 1.01 1.19 29.17
CA PHE B 638 2.20 0.32 29.17
C PHE B 638 2.44 -0.37 27.83
N MET B 639 1.52 -0.27 26.88
CA MET B 639 1.69 -0.96 25.60
C MET B 639 2.20 -0.05 24.50
N VAL B 640 2.02 1.27 24.61
CA VAL B 640 2.48 2.21 23.60
C VAL B 640 4.01 2.14 23.44
N PRO B 641 4.81 2.17 24.52
CA PRO B 641 6.26 2.08 24.32
C PRO B 641 6.71 0.80 23.64
N ALA B 642 6.04 -0.33 23.92
CA ALA B 642 6.44 -1.59 23.30
C ALA B 642 6.07 -1.63 21.82
N VAL B 643 4.88 -1.16 21.47
CA VAL B 643 4.47 -1.13 20.07
C VAL B 643 5.32 -0.14 19.29
N ALA B 644 5.58 1.03 19.86
CA ALA B 644 6.41 2.03 19.19
C ALA B 644 7.83 1.51 18.97
N SER B 645 8.40 0.84 19.98
CA SER B 645 9.74 0.32 19.85
C SER B 645 9.82 -0.78 18.78
N ALA B 646 8.79 -1.63 18.72
CA ALA B 646 8.78 -2.70 17.72
C ALA B 646 8.73 -2.13 16.30
N LEU B 647 7.99 -1.04 16.10
CA LEU B 647 7.99 -0.38 14.80
C LEU B 647 9.35 0.19 14.46
N ILE B 648 10.03 0.79 15.44
CA ILE B 648 11.36 1.34 15.21
C ILE B 648 12.36 0.22 14.99
N CYS B 649 12.31 -0.83 15.82
CA CYS B 649 13.28 -1.91 15.71
C CYS B 649 13.09 -2.72 14.44
N GLY B 650 11.84 -2.99 14.06
CA GLY B 650 11.58 -3.76 12.85
C GLY B 650 12.13 -3.09 11.61
N ASP B 651 11.92 -1.77 11.48
CA ASP B 651 12.54 -1.02 10.40
C ASP B 651 14.05 -0.92 10.59
N GLY B 652 14.48 -0.81 11.85
CA GLY B 652 15.91 -0.71 12.12
C GLY B 652 16.66 -2.00 11.82
N ILE B 653 16.05 -3.15 12.14
CA ILE B 653 16.73 -4.42 11.91
C ILE B 653 16.87 -4.70 10.42
N TRP B 654 15.86 -4.36 9.63
CA TRP B 654 15.93 -4.59 8.19
C TRP B 654 17.06 -3.81 7.53
N THR B 655 17.54 -2.75 8.17
CA THR B 655 18.66 -1.97 7.62
C THR B 655 19.92 -2.81 7.47
N PHE B 656 20.09 -3.86 8.28
CA PHE B 656 21.27 -4.70 8.14
C PHE B 656 21.20 -5.57 6.89
N PRO B 657 20.16 -6.38 6.68
CA PRO B 657 20.08 -7.12 5.40
C PRO B 657 20.02 -6.21 4.19
N ALA B 658 19.39 -5.04 4.31
CA ALA B 658 19.33 -4.10 3.19
C ALA B 658 20.71 -3.58 2.83
N SER B 659 21.56 -3.37 3.84
CA SER B 659 22.92 -2.89 3.58
C SER B 659 23.77 -3.97 2.93
N ILE B 660 23.60 -5.23 3.36
CA ILE B 660 24.34 -6.33 2.75
C ILE B 660 23.93 -6.49 1.28
N LEU B 661 22.65 -6.28 0.99
CA LEU B 661 22.20 -6.33 -0.41
C LEU B 661 22.87 -5.25 -1.24
N ALA B 662 22.94 -4.02 -0.71
CA ALA B 662 23.67 -2.97 -1.40
C ALA B 662 25.17 -3.23 -1.38
N LEU B 663 25.65 -3.96 -0.37
CA LEU B 663 27.05 -4.32 -0.31
C LEU B 663 27.43 -5.22 -1.48
N ALA B 664 26.54 -6.16 -1.84
CA ALA B 664 26.75 -7.08 -2.95
C ALA B 664 26.19 -6.56 -4.26
N LYS B 665 25.69 -5.32 -4.30
CA LYS B 665 25.15 -4.70 -5.50
C LYS B 665 23.95 -5.45 -6.05
N ILE B 666 23.03 -5.82 -5.17
CA ILE B 666 21.76 -6.43 -5.55
C ILE B 666 20.71 -5.33 -5.47
N LYS B 667 20.31 -4.80 -6.63
CA LYS B 667 19.39 -3.67 -6.67
C LYS B 667 17.94 -4.16 -6.65
N PRO B 668 17.02 -3.32 -6.18
CA PRO B 668 15.60 -3.66 -6.22
C PRO B 668 15.13 -3.85 -7.66
N PRO B 669 14.22 -4.82 -7.89
CA PRO B 669 13.85 -5.16 -9.27
C PRO B 669 12.85 -4.19 -9.90
N ILE B 670 12.00 -3.58 -9.09
CA ILE B 670 10.85 -2.84 -9.57
C ILE B 670 10.91 -1.41 -9.05
N CYS B 671 10.35 -0.48 -9.82
CA CYS B 671 10.23 0.91 -9.43
C CYS B 671 8.76 1.31 -9.44
N MET B 672 8.25 1.74 -8.29
CA MET B 672 6.86 2.18 -8.16
C MET B 672 6.80 3.68 -8.41
N LYS B 673 6.51 4.05 -9.65
CA LYS B 673 6.51 5.43 -10.09
C LYS B 673 5.09 5.99 -10.10
N PHE B 674 4.98 7.27 -9.75
CA PHE B 674 3.69 7.97 -9.69
C PHE B 674 3.71 9.07 -10.73
N LEU B 675 2.73 9.04 -11.64
CA LEU B 675 2.67 9.98 -12.74
C LEU B 675 1.33 10.71 -12.75
N PRO B 676 1.27 11.92 -13.33
CA PRO B 676 0.04 12.71 -13.34
C PRO B 676 -0.98 12.28 -14.40
N ALA B 677 -1.26 10.98 -14.45
CA ALA B 677 -2.24 10.40 -15.37
C ALA B 677 -1.96 10.81 -16.82
N ALA B 678 -0.68 10.76 -17.19
CA ALA B 678 -0.26 11.12 -18.54
C ALA B 678 -0.81 10.15 -19.58
CAA Y01 C . -2.40 -16.49 -0.69
CBA Y01 C . -2.04 -17.78 -1.41
CAB Y01 C . -1.08 -18.62 -0.59
CAN Y01 C . -1.51 -17.57 -2.84
CAJ Y01 C . 0.01 -17.49 -3.01
CAO Y01 C . 0.47 -18.14 -4.32
CBB Y01 C . 1.85 -17.62 -4.79
CAC Y01 C . 2.81 -17.51 -3.61
CBE Y01 C . 2.38 -18.54 -5.94
CAP Y01 C . 1.45 -19.81 -6.09
CAQ Y01 C . 1.25 -20.03 -7.59
CBG Y01 C . 2.49 -19.37 -8.13
CBI Y01 C . 2.50 -18.03 -7.39
CAE Y01 C . 1.34 -17.13 -7.79
CAU Y01 C . 3.83 -17.36 -7.74
CAS Y01 C . 4.12 -17.27 -9.26
CBF Y01 C . 3.97 -18.62 -10.02
CBD Y01 C . 2.64 -19.24 -9.64
CAK Y01 C . 2.53 -20.61 -10.26
CAI Y01 C . 2.85 -20.64 -11.64
CAZ Y01 C . 3.58 -19.67 -12.30
CAV Y01 C . 3.75 -19.97 -13.74
CBH Y01 C . 4.11 -18.50 -11.57
CAD Y01 C . 3.46 -17.23 -12.09
CAT Y01 C . 5.57 -18.45 -12.01
CAR Y01 C . 5.73 -18.28 -13.54
CBC Y01 C . 5.06 -19.42 -14.35
OAW Y01 C . 4.59 -19.00 -15.62
CAY Y01 C . 5.46 -19.11 -16.65
OAG Y01 C . 5.99 -20.24 -16.70
CAM Y01 C . 5.74 -18.00 -17.59
CAL Y01 C . 5.21 -18.27 -18.98
CAX Y01 C . 5.85 -17.33 -20.03
OAH Y01 C . 7.10 -17.36 -20.12
OAF Y01 C . 5.07 -16.62 -20.69
FE FE D . -22.20 -6.78 -20.77
C1 554 E . -22.26 -8.34 -18.29
O1 554 E . -22.74 -8.17 -19.44
C2 554 E . -21.02 -7.69 -17.90
C3 554 E . -21.23 -6.45 -17.15
C4 554 E . -20.30 -5.76 -18.07
C5 554 E . -19.12 -7.42 -19.34
C10 554 E . -21.69 -3.64 -22.45
C11 554 E . -22.81 -4.13 -21.54
C12 554 E . -23.71 -5.11 -22.30
C6 554 E . -18.42 -6.51 -20.36
C7 554 E . -19.22 -6.32 -21.64
C8 554 E . -19.83 -7.65 -22.10
C9 554 E . -20.63 -4.71 -22.69
N1 554 E . -20.43 -6.90 -19.00
N2 554 E . -20.28 -5.35 -21.44
O2 554 E . -22.86 -9.09 -17.47
O4 554 E . -21.06 -7.86 -21.95
O5 554 E . -19.11 -8.54 -22.61
O6 554 E . -23.48 -6.35 -22.23
O7 554 E . -24.68 -4.70 -22.99
O8 554 E . -22.27 -4.78 -20.43
CAA Y01 F . 4.43 -12.26 3.92
CBA Y01 F . 5.14 -13.57 3.65
CAB Y01 F . 6.11 -13.92 4.78
CAN Y01 F . 5.85 -13.65 2.29
CAJ Y01 F . 5.79 -12.41 1.40
CAO Y01 F . 5.61 -12.76 -0.07
CBB Y01 F . 6.94 -13.08 -0.77
CAC Y01 F . 7.03 -14.58 -1.04
CBE Y01 F . 7.01 -12.20 -2.04
CAP Y01 F . 6.82 -10.71 -1.63
CAQ Y01 F . 7.71 -9.87 -2.56
CBG Y01 F . 7.98 -10.85 -3.68
CBI Y01 F . 8.28 -12.13 -2.93
CAE Y01 F . 9.58 -12.04 -2.13
CAU Y01 F . 8.37 -13.23 -4.00
CAS Y01 F . 9.38 -12.93 -5.10
CBF Y01 F . 9.20 -11.54 -5.78
CBD Y01 F . 9.05 -10.47 -4.70
CAK Y01 F . 8.67 -9.17 -5.35
CAI Y01 F . 9.33 -8.89 -6.56
CAZ Y01 F . 10.12 -9.78 -7.27
CAV Y01 F . 10.68 -9.20 -8.51
CBH Y01 F . 10.33 -11.14 -6.74
CAD Y01 F . 11.71 -11.22 -6.09
CAT Y01 F . 10.34 -12.09 -7.96
CAR Y01 F . 11.18 -11.60 -9.15
CBC Y01 F . 10.70 -10.23 -9.62
OAW Y01 F . 11.52 -9.63 -10.60
CAY Y01 F . 10.91 -9.03 -11.64
OAG Y01 F . 10.54 -9.87 -12.50
CAM Y01 F . 10.71 -7.58 -11.72
CAL Y01 F . 10.76 -7.02 -13.14
CAX Y01 F . 12.19 -7.08 -13.71
OAH Y01 F . 12.30 -7.34 -14.93
OAF Y01 F . 13.11 -6.85 -12.89
CAA Y01 G . -8.53 8.73 6.03
CBA Y01 G . -9.18 10.09 6.15
CAB Y01 G . -10.69 9.97 6.34
CAN Y01 G . -8.85 11.06 5.00
CAJ Y01 G . -7.96 10.54 3.87
CAO Y01 G . -6.97 11.59 3.38
CBB Y01 G . -7.59 12.53 2.33
CAC Y01 G . -7.82 13.90 2.95
CBE Y01 G . -6.62 12.53 1.11
CAP Y01 G . -6.41 11.06 0.64
CAQ Y01 G . -6.29 11.10 -0.89
CBG Y01 G . -5.99 12.55 -1.13
CBI Y01 G . -6.98 13.25 -0.21
CAE Y01 G . -8.43 13.03 -0.66
CAU Y01 G . -6.62 14.74 -0.25
CAS Y01 G . -6.60 15.33 -1.66
CBF Y01 G . -5.72 14.54 -2.67
CBD Y01 G . -6.06 13.05 -2.58
CAK Y01 G . -5.06 12.27 -3.40
CAI Y01 G . -4.72 12.86 -4.63
CAZ Y01 G . -5.06 14.14 -5.03
CAV Y01 G . -4.55 14.48 -6.37
CBH Y01 G . -5.85 15.00 -4.13
CAD Y01 G . -7.30 15.01 -4.61
CAT Y01 G . -5.30 16.44 -4.28
CAR Y01 G . -5.05 16.88 -5.73
CBC Y01 G . -4.09 15.92 -6.43
OAW Y01 G . -3.95 16.17 -7.82
CAY Y01 G . -2.68 16.11 -8.32
OAG Y01 G . -2.06 17.17 -8.09
CAM Y01 G . -2.16 14.94 -9.03
CAL Y01 G . -1.17 15.28 -10.14
CAX Y01 G . -1.88 15.96 -11.33
OAH Y01 G . -1.24 16.86 -11.92
OAF Y01 G . -3.02 15.54 -11.60
CAA Y01 H . -1.51 13.12 10.18
CBA Y01 H . -1.61 14.64 10.27
CAB Y01 H . -3.03 15.08 10.57
CAN Y01 H . -1.04 15.37 9.04
CAJ Y01 H . -2.04 15.74 7.93
CAO Y01 H . -1.69 17.09 7.29
CBB Y01 H . -2.30 17.24 5.86
CAC Y01 H . -3.73 16.72 5.84
CBE Y01 H . -2.17 18.73 5.41
CAP Y01 H . -1.67 19.62 6.62
CAQ Y01 H . -0.61 20.58 6.05
CBG Y01 H . -1.04 20.62 4.60
CBI Y01 H . -1.21 19.14 4.27
CAE Y01 H . 0.10 18.37 4.30
CAU Y01 H . -1.84 19.09 2.86
CAS Y01 H . -1.05 19.92 1.81
CBF Y01 H . -0.76 21.38 2.22
CBD Y01 H . -0.16 21.38 3.62
CAK Y01 H . 0.01 22.80 4.10
CAI Y01 H . 0.64 23.64 3.17
CAZ Y01 H . 0.74 23.40 1.81
CAV Y01 H . 1.46 24.46 1.08
CBH Y01 H . 0.15 22.17 1.22
CAD Y01 H . 1.25 21.28 0.67
CAT Y01 H . -0.64 22.70 0.03
CAR Y01 H . 0.25 23.43 -0.99
CBC Y01 H . 1.01 24.64 -0.38
OAW Y01 H . 2.25 24.90 -1.01
CAY Y01 H . 2.25 25.75 -2.06
OAG Y01 H . 1.64 26.81 -1.80
CAM Y01 H . 2.88 25.43 -3.36
CAL Y01 H . 4.10 26.29 -3.63
CAX Y01 H . 4.51 26.25 -5.12
OAH Y01 H . 3.64 26.61 -5.95
OAF Y01 H . 5.67 25.87 -5.37
FE FE I . 28.07 11.83 6.54
C1 554 J . 26.18 11.71 8.78
O1 554 J . 27.30 12.09 8.37
C2 554 J . 25.16 11.25 7.85
C3 554 J . 25.12 9.80 7.71
C4 554 J . 25.17 9.96 6.24
C5 554 J . 24.73 12.26 5.70
C10 554 J . 29.47 10.33 3.58
C11 554 J . 29.60 9.98 5.06
C12 554 J . 30.52 10.99 5.75
C6 554 J . 25.07 12.24 4.21
C7 554 J . 26.53 12.61 3.92
C8 554 J . 26.96 13.78 4.79
C9 554 J . 28.59 11.56 3.36
N1 554 J . 25.60 11.36 6.44
N2 554 J . 27.39 11.48 4.17
O2 554 J . 25.93 11.73 10.02
O4 554 J . 27.73 13.60 5.76
O5 554 J . 26.55 14.95 4.53
O6 554 J . 30.04 12.00 6.32
O7 554 J . 31.77 10.81 5.77
O8 554 J . 28.35 10.02 5.67
#